data_479D
# 
_entry.id   479D 
# 
_audit_conform.dict_name       mmcif_pdbx.dic 
_audit_conform.dict_version    5.383 
_audit_conform.dict_location   http://mmcif.pdb.org/dictionaries/ascii/mmcif_pdbx.dic 
# 
loop_
_database_2.database_id 
_database_2.database_code 
_database_2.pdbx_database_accession 
_database_2.pdbx_DOI 
PDB   479D         pdb_0000479d 10.2210/pdb479d/pdb 
NDB   AH0005       ?            ?                   
RCSB  RCSB001326   ?            ?                   
WWPDB D_1000001326 ?            ?                   
# 
loop_
_pdbx_audit_revision_history.ordinal 
_pdbx_audit_revision_history.data_content_type 
_pdbx_audit_revision_history.major_revision 
_pdbx_audit_revision_history.minor_revision 
_pdbx_audit_revision_history.revision_date 
1 'Structure model' 1 0 2000-05-15 
2 'Structure model' 1 1 2008-04-26 
3 'Structure model' 1 2 2011-07-13 
4 'Structure model' 1 3 2017-10-04 
5 'Structure model' 1 4 2023-12-27 
# 
_pdbx_audit_revision_details.ordinal             1 
_pdbx_audit_revision_details.revision_ordinal    1 
_pdbx_audit_revision_details.data_content_type   'Structure model' 
_pdbx_audit_revision_details.provider            repository 
_pdbx_audit_revision_details.type                'Initial release' 
_pdbx_audit_revision_details.description         ? 
_pdbx_audit_revision_details.details             ? 
# 
loop_
_pdbx_audit_revision_group.ordinal 
_pdbx_audit_revision_group.revision_ordinal 
_pdbx_audit_revision_group.data_content_type 
_pdbx_audit_revision_group.group 
1 2 'Structure model' 'Version format compliance' 
2 3 'Structure model' 'Version format compliance' 
3 4 'Structure model' 'Refinement description'    
4 4 'Structure model' 'Structure summary'         
5 5 'Structure model' 'Data collection'           
6 5 'Structure model' 'Database references'       
# 
loop_
_pdbx_audit_revision_category.ordinal 
_pdbx_audit_revision_category.revision_ordinal 
_pdbx_audit_revision_category.data_content_type 
_pdbx_audit_revision_category.category 
1 4 'Structure model' software        
2 4 'Structure model' struct_keywords 
3 5 'Structure model' chem_comp_atom  
4 5 'Structure model' chem_comp_bond  
5 5 'Structure model' database_2      
# 
loop_
_pdbx_audit_revision_item.ordinal 
_pdbx_audit_revision_item.revision_ordinal 
_pdbx_audit_revision_item.data_content_type 
_pdbx_audit_revision_item.item 
1 4 'Structure model' '_struct_keywords.text'               
2 5 'Structure model' '_database_2.pdbx_DOI'                
3 5 'Structure model' '_database_2.pdbx_database_accession' 
# 
_pdbx_database_status.status_code                     REL 
_pdbx_database_status.entry_id                        479D 
_pdbx_database_status.recvd_initial_deposition_date   1999-07-08 
_pdbx_database_status.deposit_site                    RCSB 
_pdbx_database_status.process_site                    RCSB 
_pdbx_database_status.status_code_sf                  REL 
_pdbx_database_status.SG_entry                        . 
_pdbx_database_status.status_code_mr                  ? 
_pdbx_database_status.pdb_format_compatible           Y 
_pdbx_database_status.status_code_cs                  ? 
_pdbx_database_status.methods_development_category    ? 
_pdbx_database_status.status_code_nmr_data            ? 
# 
loop_
_audit_author.name 
_audit_author.pdbx_ordinal 
'Xiong, Y.'         1 
'Sundaralingam, M.' 2 
# 
_citation.id                        primary 
_citation.title                     
;Crystal structure of a DNA.RNA hybrid duplex with a polypurine RNA r(gaagaagag) and a complementary polypyrimidine DNA d(CTCTTCTTC).
;
_citation.journal_abbrev            'Nucleic Acids Res.' 
_citation.journal_volume            28 
_citation.page_first                2171 
_citation.page_last                 2176 
_citation.year                      2000 
_citation.journal_id_ASTM           NARHAD 
_citation.country                   UK 
_citation.journal_id_ISSN           0305-1048 
_citation.journal_id_CSD            0389 
_citation.book_publisher            ? 
_citation.pdbx_database_id_PubMed   10773088 
_citation.pdbx_database_id_DOI      10.1093/nar/28.10.2171 
# 
loop_
_citation_author.citation_id 
_citation_author.name 
_citation_author.ordinal 
_citation_author.identifier_ORCID 
primary 'Xiong, Y.'         1 ? 
primary 'Sundaralingam, M.' 2 ? 
# 
loop_
_entity.id 
_entity.type 
_entity.src_method 
_entity.pdbx_description 
_entity.formula_weight 
_entity.pdbx_number_of_molecules 
_entity.pdbx_ec 
_entity.pdbx_mutation 
_entity.pdbx_fragment 
_entity.details 
1 polymer syn 
;DNA (5'-D(*CP*TP*CP*TP*TP*CP*TP*TP*C)-3')
;
2632.734 1  ? ? ? ? 
2 polymer syn 
;RNA (5'-R(*GP*AP*AP*GP*AP*AP*GP*AP*G)-3')
;
2981.895 1  ? ? ? ? 
3 water   nat water                                       18.015   37 ? ? ? ? 
# 
loop_
_entity_poly.entity_id 
_entity_poly.type 
_entity_poly.nstd_linkage 
_entity_poly.nstd_monomer 
_entity_poly.pdbx_seq_one_letter_code 
_entity_poly.pdbx_seq_one_letter_code_can 
_entity_poly.pdbx_strand_id 
_entity_poly.pdbx_target_identifier 
1 polydeoxyribonucleotide no no '(DC)(DT)(DC)(DT)(DT)(DC)(DT)(DT)(DC)' CTCTTCTTC A ? 
2 polyribonucleotide      no no GAAGAAGAG                              GAAGAAGAG B ? 
# 
_pdbx_entity_nonpoly.entity_id   3 
_pdbx_entity_nonpoly.name        water 
_pdbx_entity_nonpoly.comp_id     HOH 
# 
loop_
_entity_poly_seq.entity_id 
_entity_poly_seq.num 
_entity_poly_seq.mon_id 
_entity_poly_seq.hetero 
1 1 DC n 
1 2 DT n 
1 3 DC n 
1 4 DT n 
1 5 DT n 
1 6 DC n 
1 7 DT n 
1 8 DT n 
1 9 DC n 
2 1 G  n 
2 2 A  n 
2 3 A  n 
2 4 G  n 
2 5 A  n 
2 6 A  n 
2 7 G  n 
2 8 A  n 
2 9 G  n 
# 
loop_
_chem_comp.id 
_chem_comp.type 
_chem_comp.mon_nstd_flag 
_chem_comp.name 
_chem_comp.pdbx_synonyms 
_chem_comp.formula 
_chem_comp.formula_weight 
A   'RNA linking' y "ADENOSINE-5'-MONOPHOSPHATE"        ? 'C10 H14 N5 O7 P' 347.221 
DC  'DNA linking' y "2'-DEOXYCYTIDINE-5'-MONOPHOSPHATE" ? 'C9 H14 N3 O7 P'  307.197 
DT  'DNA linking' y "THYMIDINE-5'-MONOPHOSPHATE"        ? 'C10 H15 N2 O8 P' 322.208 
G   'RNA linking' y "GUANOSINE-5'-MONOPHOSPHATE"        ? 'C10 H14 N5 O8 P' 363.221 
HOH non-polymer   . WATER                               ? 'H2 O'            18.015  
# 
loop_
_pdbx_poly_seq_scheme.asym_id 
_pdbx_poly_seq_scheme.entity_id 
_pdbx_poly_seq_scheme.seq_id 
_pdbx_poly_seq_scheme.mon_id 
_pdbx_poly_seq_scheme.ndb_seq_num 
_pdbx_poly_seq_scheme.pdb_seq_num 
_pdbx_poly_seq_scheme.auth_seq_num 
_pdbx_poly_seq_scheme.pdb_mon_id 
_pdbx_poly_seq_scheme.auth_mon_id 
_pdbx_poly_seq_scheme.pdb_strand_id 
_pdbx_poly_seq_scheme.pdb_ins_code 
_pdbx_poly_seq_scheme.hetero 
A 1 1 DC 1 1  1  DC C A . n 
A 1 2 DT 2 2  2  DT T A . n 
A 1 3 DC 3 3  3  DC C A . n 
A 1 4 DT 4 4  4  DT T A . n 
A 1 5 DT 5 5  5  DT T A . n 
A 1 6 DC 6 6  6  DC C A . n 
A 1 7 DT 7 7  7  DT T A . n 
A 1 8 DT 8 8  8  DT T A . n 
A 1 9 DC 9 9  9  DC C A . n 
B 2 1 G  1 10 10 G  G B . n 
B 2 2 A  2 11 11 A  A B . n 
B 2 3 A  3 12 12 A  A B . n 
B 2 4 G  4 13 13 G  G B . n 
B 2 5 A  5 14 14 A  A B . n 
B 2 6 A  6 15 15 A  A B . n 
B 2 7 G  7 16 16 G  G B . n 
B 2 8 A  8 17 17 A  A B . n 
B 2 9 G  9 18 18 G  G B . n 
# 
loop_
_pdbx_nonpoly_scheme.asym_id 
_pdbx_nonpoly_scheme.entity_id 
_pdbx_nonpoly_scheme.mon_id 
_pdbx_nonpoly_scheme.ndb_seq_num 
_pdbx_nonpoly_scheme.pdb_seq_num 
_pdbx_nonpoly_scheme.auth_seq_num 
_pdbx_nonpoly_scheme.pdb_mon_id 
_pdbx_nonpoly_scheme.auth_mon_id 
_pdbx_nonpoly_scheme.pdb_strand_id 
_pdbx_nonpoly_scheme.pdb_ins_code 
C 3 HOH 1  20 20 HOH HOH A . 
C 3 HOH 2  21 21 HOH HOH A . 
C 3 HOH 3  22 22 HOH HOH A . 
C 3 HOH 4  24 24 HOH HOH A . 
C 3 HOH 5  26 26 HOH HOH A . 
C 3 HOH 6  30 30 HOH HOH A . 
C 3 HOH 7  33 33 HOH HOH A . 
C 3 HOH 8  39 39 HOH HOH A . 
C 3 HOH 9  42 42 HOH HOH A . 
C 3 HOH 10 45 45 HOH HOH A . 
C 3 HOH 11 47 47 HOH HOH A . 
C 3 HOH 12 53 53 HOH HOH A . 
C 3 HOH 13 54 54 HOH HOH A . 
D 3 HOH 1  19 19 HOH HOH B . 
D 3 HOH 2  23 23 HOH HOH B . 
D 3 HOH 3  25 25 HOH HOH B . 
D 3 HOH 4  27 27 HOH HOH B . 
D 3 HOH 5  28 28 HOH HOH B . 
D 3 HOH 6  29 29 HOH HOH B . 
D 3 HOH 7  31 31 HOH HOH B . 
D 3 HOH 8  32 32 HOH HOH B . 
D 3 HOH 9  34 34 HOH HOH B . 
D 3 HOH 10 35 35 HOH HOH B . 
D 3 HOH 11 36 36 HOH HOH B . 
D 3 HOH 12 37 37 HOH HOH B . 
D 3 HOH 13 38 38 HOH HOH B . 
D 3 HOH 14 40 40 HOH HOH B . 
D 3 HOH 15 41 41 HOH HOH B . 
D 3 HOH 16 43 43 HOH HOH B . 
D 3 HOH 17 44 44 HOH HOH B . 
D 3 HOH 18 46 46 HOH HOH B . 
D 3 HOH 19 48 48 HOH HOH B . 
D 3 HOH 20 49 49 HOH HOH B . 
D 3 HOH 21 50 50 HOH HOH B . 
D 3 HOH 22 51 51 HOH HOH B . 
D 3 HOH 23 52 52 HOH HOH B . 
D 3 HOH 24 55 55 HOH HOH B . 
# 
loop_
_software.name 
_software.classification 
_software.version 
_software.citation_id 
_software.pdbx_ordinal 
X-PLOR 'model building' .     ? 1 
X-PLOR refinement       3.851 ? 2 
DENZO  'data reduction' .     ? 3 
X-PLOR phasing          .     ? 4 
# 
_cell.entry_id           479D 
_cell.length_a           49.15 
_cell.length_b           49.15 
_cell.length_c           46.13 
_cell.angle_alpha        90.0 
_cell.angle_beta         90.0 
_cell.angle_gamma        120.00 
_cell.Z_PDB              6 
_cell.pdbx_unique_axis   ? 
_cell.length_a_esd       ? 
_cell.length_b_esd       ? 
_cell.length_c_esd       ? 
_cell.angle_alpha_esd    ? 
_cell.angle_beta_esd     ? 
_cell.angle_gamma_esd    ? 
# 
_symmetry.entry_id                         479D 
_symmetry.space_group_name_H-M             'P 61' 
_symmetry.pdbx_full_space_group_name_H-M   ? 
_symmetry.cell_setting                     hexagonal 
_symmetry.Int_Tables_number                169 
_symmetry.space_group_name_Hall            ? 
# 
_exptl.entry_id          479D 
_exptl.method            'X-RAY DIFFRACTION' 
_exptl.crystals_number   1 
# 
_exptl_crystal.id                    1 
_exptl_crystal.density_meas          ? 
_exptl_crystal.density_percent_sol   57.06 
_exptl_crystal.density_Matthews      2.86 
_exptl_crystal.description           ? 
_exptl_crystal.F_000                 ? 
_exptl_crystal.preparation           ? 
# 
_exptl_crystal_grow.crystal_id      1 
_exptl_crystal_grow.method          'VAPOR DIFFUSION, HANGING DROP' 
_exptl_crystal_grow.temp            ? 
_exptl_crystal_grow.temp_details    ? 
_exptl_crystal_grow.pH              6.0 
_exptl_crystal_grow.pdbx_details    
;DROP: 1 MM HYBID (DOUBLE STRAND), 400 MM MGCL2, 0.10 M SODIUM CACODYLATE (PH 6.0), 2MM SPERMINE TETRACHLORIDE, 5% MPD; RESERVOIR: 40 % MPD, VAPOR DIFFUSION, HANGING DROP
;
_exptl_crystal_grow.pdbx_pH_range   ? 
# 
loop_
_exptl_crystal_grow_comp.crystal_id 
_exptl_crystal_grow_comp.id 
_exptl_crystal_grow_comp.sol_id 
_exptl_crystal_grow_comp.name 
_exptl_crystal_grow_comp.volume 
_exptl_crystal_grow_comp.conc 
_exptl_crystal_grow_comp.details 
1 1 1 MGCL2                    ? ? ? 
1 2 1 'SODIUM CACODYLATE'      ? ? ? 
1 3 1 'SPERMINE TETRACHLORIDE' ? ? ? 
1 4 1 MPD                      ? ? ? 
1 5 2 MPD                      ? ? ? 
# 
_diffrn.id                     1 
_diffrn.ambient_temp           263 
_diffrn.ambient_temp_details   ? 
_diffrn.crystal_id             1 
# 
_diffrn_detector.diffrn_id              1 
_diffrn_detector.detector               'IMAGE PLATE' 
_diffrn_detector.type                   'RIGAKU RAXIS IIC' 
_diffrn_detector.pdbx_collection_date   1998-12-15 
_diffrn_detector.details                ? 
# 
_diffrn_radiation.diffrn_id                        1 
_diffrn_radiation.wavelength_id                    1 
_diffrn_radiation.pdbx_monochromatic_or_laue_m_l   M 
_diffrn_radiation.monochromator                    GRAPHITE 
_diffrn_radiation.pdbx_diffrn_protocol             'SINGLE WAVELENGTH' 
_diffrn_radiation.pdbx_scattering_type             x-ray 
# 
_diffrn_radiation_wavelength.id           1 
_diffrn_radiation_wavelength.wavelength   1.5418 
_diffrn_radiation_wavelength.wt           1.0 
# 
_diffrn_source.diffrn_id                   1 
_diffrn_source.source                      'ROTATING ANODE' 
_diffrn_source.type                        RIGAKU 
_diffrn_source.pdbx_synchrotron_site       ? 
_diffrn_source.pdbx_synchrotron_beamline   ? 
_diffrn_source.pdbx_wavelength             1.5418 
_diffrn_source.pdbx_wavelength_list        ? 
# 
_reflns.entry_id                     479D 
_reflns.observed_criterion_sigma_I   1 
_reflns.observed_criterion_sigma_F   ? 
_reflns.d_resolution_low             31.38 
_reflns.d_resolution_high            1.90 
_reflns.number_obs                   4443 
_reflns.number_all                   ? 
_reflns.percent_possible_obs         87.9 
_reflns.pdbx_Rmerge_I_obs            0.0610000 
_reflns.pdbx_Rsym_value              ? 
_reflns.pdbx_netI_over_sigmaI        ? 
_reflns.B_iso_Wilson_estimate        ? 
_reflns.pdbx_redundancy              3.50 
_reflns.R_free_details               ? 
_reflns.pdbx_chi_squared             ? 
_reflns.pdbx_scaling_rejects         ? 
_reflns.pdbx_diffrn_id               1 
_reflns.pdbx_ordinal                 1 
# 
_refine.entry_id                                 479D 
_refine.ls_number_reflns_obs                     4373 
_refine.ls_number_reflns_all                     ? 
_refine.pdbx_ls_sigma_I                          ? 
_refine.pdbx_ls_sigma_F                          2.0 
_refine.pdbx_data_cutoff_high_absF               ? 
_refine.pdbx_data_cutoff_low_absF                ? 
_refine.pdbx_data_cutoff_high_rms_absF           ? 
_refine.ls_d_res_low                             10.0 
_refine.ls_d_res_high                            1.9 
_refine.ls_percent_reflns_obs                    87.84 
_refine.ls_R_factor_obs                          0.1990000 
_refine.ls_R_factor_all                          ? 
_refine.ls_R_factor_R_work                       0.1990000 
_refine.ls_R_factor_R_free                       0.2620000 
_refine.ls_R_factor_R_free_error                 ? 
_refine.ls_R_factor_R_free_error_details         ? 
_refine.ls_percent_reflns_R_free                 5 
_refine.ls_number_reflns_R_free                  208 
_refine.ls_number_parameters                     ? 
_refine.ls_number_restraints                     ? 
_refine.occupancy_min                            ? 
_refine.occupancy_max                            ? 
_refine.B_iso_mean                               ? 
_refine.aniso_B[1][1]                            ? 
_refine.aniso_B[2][2]                            ? 
_refine.aniso_B[3][3]                            ? 
_refine.aniso_B[1][2]                            ? 
_refine.aniso_B[1][3]                            ? 
_refine.aniso_B[2][3]                            ? 
_refine.solvent_model_details                    ? 
_refine.solvent_model_param_ksol                 ? 
_refine.solvent_model_param_bsol                 ? 
_refine.pdbx_ls_cross_valid_method               'LUZZATI PLOT' 
_refine.details                                  ? 
_refine.pdbx_starting_model                      ? 
_refine.pdbx_method_to_determine_struct          ? 
_refine.pdbx_isotropic_thermal_model             ? 
_refine.pdbx_stereochemistry_target_values       ? 
_refine.pdbx_stereochem_target_val_spec_case     ? 
_refine.pdbx_R_Free_selection_details            ? 
_refine.pdbx_overall_ESU_R                       ? 
_refine.pdbx_overall_ESU_R_Free                  ? 
_refine.overall_SU_ML                            ? 
_refine.overall_SU_B                             ? 
_refine.pdbx_refine_id                           'X-RAY DIFFRACTION' 
_refine.ls_redundancy_reflns_obs                 ? 
_refine.pdbx_overall_phase_error                 ? 
_refine.correlation_coeff_Fo_to_Fc               ? 
_refine.correlation_coeff_Fo_to_Fc_free          ? 
_refine.pdbx_solvent_vdw_probe_radii             ? 
_refine.pdbx_solvent_ion_probe_radii             ? 
_refine.pdbx_solvent_shrinkage_radii             ? 
_refine.overall_SU_R_Cruickshank_DPI             ? 
_refine.overall_SU_R_free                        ? 
_refine.ls_wR_factor_R_free                      ? 
_refine.ls_wR_factor_R_work                      ? 
_refine.overall_FOM_free_R_set                   ? 
_refine.overall_FOM_work_R_set                   ? 
_refine.pdbx_diffrn_id                           1 
_refine.pdbx_TLS_residual_ADP_flag               ? 
_refine.pdbx_overall_SU_R_free_Cruickshank_DPI   ? 
_refine.pdbx_overall_SU_R_Blow_DPI               ? 
_refine.pdbx_overall_SU_R_free_Blow_DPI          ? 
# 
_refine_analyze.entry_id                        479D 
_refine_analyze.Luzzati_coordinate_error_obs    0.31 
_refine_analyze.Luzzati_sigma_a_obs             ? 
_refine_analyze.Luzzati_d_res_low_obs           10.0 
_refine_analyze.Luzzati_coordinate_error_free   ? 
_refine_analyze.Luzzati_sigma_a_free            ? 
_refine_analyze.Luzzati_d_res_low_free          ? 
_refine_analyze.number_disordered_residues      ? 
_refine_analyze.occupancy_sum_hydrogen          ? 
_refine_analyze.occupancy_sum_non_hydrogen      ? 
_refine_analyze.pdbx_refine_id                  'X-RAY DIFFRACTION' 
# 
_refine_hist.pdbx_refine_id                   'X-RAY DIFFRACTION' 
_refine_hist.cycle_id                         LAST 
_refine_hist.pdbx_number_atoms_protein        0 
_refine_hist.pdbx_number_atoms_nucleic_acid   372 
_refine_hist.pdbx_number_atoms_ligand         0 
_refine_hist.number_atoms_solvent             37 
_refine_hist.number_atoms_total               409 
_refine_hist.d_res_high                       1.9 
_refine_hist.d_res_low                        10.0 
# 
loop_
_refine_ls_restr.type 
_refine_ls_restr.dev_ideal 
_refine_ls_restr.dev_ideal_target 
_refine_ls_restr.weight 
_refine_ls_restr.number 
_refine_ls_restr.pdbx_refine_id 
_refine_ls_restr.pdbx_restraint_function 
x_bond_d                ?     ? ? ? 'X-RAY DIFFRACTION' ? 
x_bond_d_na             ?     ? ? ? 'X-RAY DIFFRACTION' ? 
x_bond_d_prot           ?     ? ? ? 'X-RAY DIFFRACTION' ? 
x_angle_d               ?     ? ? ? 'X-RAY DIFFRACTION' ? 
x_angle_d_na            ?     ? ? ? 'X-RAY DIFFRACTION' ? 
x_angle_d_prot          ?     ? ? ? 'X-RAY DIFFRACTION' ? 
x_angle_deg             0.008 ? ? ? 'X-RAY DIFFRACTION' ? 
x_angle_deg_na          ?     ? ? ? 'X-RAY DIFFRACTION' ? 
x_angle_deg_prot        ?     ? ? ? 'X-RAY DIFFRACTION' ? 
x_dihedral_angle_d      ?     ? ? ? 'X-RAY DIFFRACTION' ? 
x_dihedral_angle_d_na   ?     ? ? ? 'X-RAY DIFFRACTION' ? 
x_dihedral_angle_d_prot ?     ? ? ? 'X-RAY DIFFRACTION' ? 
x_improper_angle_d      ?     ? ? ? 'X-RAY DIFFRACTION' ? 
x_improper_angle_d_na   ?     ? ? ? 'X-RAY DIFFRACTION' ? 
x_improper_angle_d_prot ?     ? ? ? 'X-RAY DIFFRACTION' ? 
x_mcbond_it             ?     ? ? ? 'X-RAY DIFFRACTION' ? 
x_mcangle_it            ?     ? ? ? 'X-RAY DIFFRACTION' ? 
x_scbond_it             ?     ? ? ? 'X-RAY DIFFRACTION' ? 
x_scangle_it            ?     ? ? ? 'X-RAY DIFFRACTION' ? 
# 
_struct.entry_id                  479D 
_struct.title                     'CRYSTAL STRUCTURE A DNA:RNA HYBRID DUPLEX, A DYNAMIC MODEL FOR RNASE H RECOGNITION' 
_struct.pdbx_model_details        ? 
_struct.pdbx_CASP_flag            ? 
_struct.pdbx_model_type_details   ? 
# 
_struct_keywords.entry_id        479D 
_struct_keywords.pdbx_keywords   'DNA-RNA HYBRID' 
_struct_keywords.text            'A-T-RNA, DOUBLE HELIX, DNA/RNA HYBRID, DNA-RNA HYBRID complex, DNA-RNA HYBRID' 
# 
loop_
_struct_asym.id 
_struct_asym.pdbx_blank_PDB_chainid_flag 
_struct_asym.pdbx_modified 
_struct_asym.entity_id 
_struct_asym.details 
A N N 1 ? 
B N N 2 ? 
C N N 3 ? 
D N N 3 ? 
# 
loop_
_struct_ref.id 
_struct_ref.entity_id 
_struct_ref.db_name 
_struct_ref.db_code 
_struct_ref.pdbx_db_accession 
_struct_ref.pdbx_align_begin 
_struct_ref.pdbx_seq_one_letter_code 
_struct_ref.pdbx_db_isoform 
1 1 PDB 479D 479D ? ? ? 
2 2 PDB 479D 479D ? ? ? 
# 
loop_
_struct_ref_seq.align_id 
_struct_ref_seq.ref_id 
_struct_ref_seq.pdbx_PDB_id_code 
_struct_ref_seq.pdbx_strand_id 
_struct_ref_seq.seq_align_beg 
_struct_ref_seq.pdbx_seq_align_beg_ins_code 
_struct_ref_seq.seq_align_end 
_struct_ref_seq.pdbx_seq_align_end_ins_code 
_struct_ref_seq.pdbx_db_accession 
_struct_ref_seq.db_align_beg 
_struct_ref_seq.pdbx_db_align_beg_ins_code 
_struct_ref_seq.db_align_end 
_struct_ref_seq.pdbx_db_align_end_ins_code 
_struct_ref_seq.pdbx_auth_seq_align_beg 
_struct_ref_seq.pdbx_auth_seq_align_end 
1 1 479D A 1 ? 9 ? 479D 1  ? 9  ? 1  9  
2 2 479D B 1 ? 9 ? 479D 10 ? 18 ? 10 18 
# 
_pdbx_struct_assembly.id                   1 
_pdbx_struct_assembly.details              author_defined_assembly 
_pdbx_struct_assembly.method_details       ? 
_pdbx_struct_assembly.oligomeric_details   dimeric 
_pdbx_struct_assembly.oligomeric_count     2 
# 
_pdbx_struct_assembly_gen.assembly_id       1 
_pdbx_struct_assembly_gen.oper_expression   1 
_pdbx_struct_assembly_gen.asym_id_list      A,B,C,D 
# 
_pdbx_struct_oper_list.id                   1 
_pdbx_struct_oper_list.type                 'identity operation' 
_pdbx_struct_oper_list.name                 1_555 
_pdbx_struct_oper_list.symmetry_operation   x,y,z 
_pdbx_struct_oper_list.matrix[1][1]         1.0000000000 
_pdbx_struct_oper_list.matrix[1][2]         0.0000000000 
_pdbx_struct_oper_list.matrix[1][3]         0.0000000000 
_pdbx_struct_oper_list.vector[1]            0.0000000000 
_pdbx_struct_oper_list.matrix[2][1]         0.0000000000 
_pdbx_struct_oper_list.matrix[2][2]         1.0000000000 
_pdbx_struct_oper_list.matrix[2][3]         0.0000000000 
_pdbx_struct_oper_list.vector[2]            0.0000000000 
_pdbx_struct_oper_list.matrix[3][1]         0.0000000000 
_pdbx_struct_oper_list.matrix[3][2]         0.0000000000 
_pdbx_struct_oper_list.matrix[3][3]         1.0000000000 
_pdbx_struct_oper_list.vector[3]            0.0000000000 
# 
_struct_biol.id        1 
_struct_biol.details   ? 
# 
loop_
_struct_conn.id 
_struct_conn.conn_type_id 
_struct_conn.pdbx_leaving_atom_flag 
_struct_conn.pdbx_PDB_id 
_struct_conn.ptnr1_label_asym_id 
_struct_conn.ptnr1_label_comp_id 
_struct_conn.ptnr1_label_seq_id 
_struct_conn.ptnr1_label_atom_id 
_struct_conn.pdbx_ptnr1_label_alt_id 
_struct_conn.pdbx_ptnr1_PDB_ins_code 
_struct_conn.pdbx_ptnr1_standard_comp_id 
_struct_conn.ptnr1_symmetry 
_struct_conn.ptnr2_label_asym_id 
_struct_conn.ptnr2_label_comp_id 
_struct_conn.ptnr2_label_seq_id 
_struct_conn.ptnr2_label_atom_id 
_struct_conn.pdbx_ptnr2_label_alt_id 
_struct_conn.pdbx_ptnr2_PDB_ins_code 
_struct_conn.ptnr1_auth_asym_id 
_struct_conn.ptnr1_auth_comp_id 
_struct_conn.ptnr1_auth_seq_id 
_struct_conn.ptnr2_auth_asym_id 
_struct_conn.ptnr2_auth_comp_id 
_struct_conn.ptnr2_auth_seq_id 
_struct_conn.ptnr2_symmetry 
_struct_conn.pdbx_ptnr3_label_atom_id 
_struct_conn.pdbx_ptnr3_label_seq_id 
_struct_conn.pdbx_ptnr3_label_comp_id 
_struct_conn.pdbx_ptnr3_label_asym_id 
_struct_conn.pdbx_ptnr3_label_alt_id 
_struct_conn.pdbx_ptnr3_PDB_ins_code 
_struct_conn.details 
_struct_conn.pdbx_dist_value 
_struct_conn.pdbx_value_order 
_struct_conn.pdbx_role 
hydrog1  hydrog ? ? A DC 1 N3 ? ? ? 1_555 B G 9 N1 ? ? A DC 1 B G 18 1_555 ? ? ? ? ? ? WATSON-CRICK ? ? ? 
hydrog2  hydrog ? ? A DC 1 N4 ? ? ? 1_555 B G 9 O6 ? ? A DC 1 B G 18 1_555 ? ? ? ? ? ? WATSON-CRICK ? ? ? 
hydrog3  hydrog ? ? A DC 1 O2 ? ? ? 1_555 B G 9 N2 ? ? A DC 1 B G 18 1_555 ? ? ? ? ? ? WATSON-CRICK ? ? ? 
hydrog4  hydrog ? ? A DT 2 N3 ? ? ? 1_555 B A 8 N1 ? ? A DT 2 B A 17 1_555 ? ? ? ? ? ? WATSON-CRICK ? ? ? 
hydrog5  hydrog ? ? A DT 2 O4 ? ? ? 1_555 B A 8 N6 ? ? A DT 2 B A 17 1_555 ? ? ? ? ? ? WATSON-CRICK ? ? ? 
hydrog6  hydrog ? ? A DC 3 N3 ? ? ? 1_555 B G 7 N1 ? ? A DC 3 B G 16 1_555 ? ? ? ? ? ? WATSON-CRICK ? ? ? 
hydrog7  hydrog ? ? A DC 3 N4 ? ? ? 1_555 B G 7 O6 ? ? A DC 3 B G 16 1_555 ? ? ? ? ? ? WATSON-CRICK ? ? ? 
hydrog8  hydrog ? ? A DC 3 O2 ? ? ? 1_555 B G 7 N2 ? ? A DC 3 B G 16 1_555 ? ? ? ? ? ? WATSON-CRICK ? ? ? 
hydrog9  hydrog ? ? A DT 4 N3 ? ? ? 1_555 B A 6 N1 ? ? A DT 4 B A 15 1_555 ? ? ? ? ? ? WATSON-CRICK ? ? ? 
hydrog10 hydrog ? ? A DT 4 O4 ? ? ? 1_555 B A 6 N6 ? ? A DT 4 B A 15 1_555 ? ? ? ? ? ? WATSON-CRICK ? ? ? 
hydrog11 hydrog ? ? A DT 5 N3 ? ? ? 1_555 B A 5 N1 ? ? A DT 5 B A 14 1_555 ? ? ? ? ? ? WATSON-CRICK ? ? ? 
hydrog12 hydrog ? ? A DT 5 O4 ? ? ? 1_555 B A 5 N6 ? ? A DT 5 B A 14 1_555 ? ? ? ? ? ? WATSON-CRICK ? ? ? 
hydrog13 hydrog ? ? A DC 6 N3 ? ? ? 1_555 B G 4 N1 ? ? A DC 6 B G 13 1_555 ? ? ? ? ? ? WATSON-CRICK ? ? ? 
hydrog14 hydrog ? ? A DC 6 N4 ? ? ? 1_555 B G 4 O6 ? ? A DC 6 B G 13 1_555 ? ? ? ? ? ? WATSON-CRICK ? ? ? 
hydrog15 hydrog ? ? A DC 6 O2 ? ? ? 1_555 B G 4 N2 ? ? A DC 6 B G 13 1_555 ? ? ? ? ? ? WATSON-CRICK ? ? ? 
hydrog16 hydrog ? ? A DT 7 N3 ? ? ? 1_555 B A 3 N1 ? ? A DT 7 B A 12 1_555 ? ? ? ? ? ? WATSON-CRICK ? ? ? 
hydrog17 hydrog ? ? A DT 7 O4 ? ? ? 1_555 B A 3 N6 ? ? A DT 7 B A 12 1_555 ? ? ? ? ? ? WATSON-CRICK ? ? ? 
hydrog18 hydrog ? ? A DT 8 N3 ? ? ? 1_555 B A 2 N1 ? ? A DT 8 B A 11 1_555 ? ? ? ? ? ? WATSON-CRICK ? ? ? 
hydrog19 hydrog ? ? A DT 8 O4 ? ? ? 1_555 B A 2 N6 ? ? A DT 8 B A 11 1_555 ? ? ? ? ? ? WATSON-CRICK ? ? ? 
hydrog20 hydrog ? ? A DC 9 N3 ? ? ? 1_555 B G 1 N1 ? ? A DC 9 B G 10 1_555 ? ? ? ? ? ? WATSON-CRICK ? ? ? 
hydrog21 hydrog ? ? A DC 9 N4 ? ? ? 1_555 B G 1 O6 ? ? A DC 9 B G 10 1_555 ? ? ? ? ? ? WATSON-CRICK ? ? ? 
hydrog22 hydrog ? ? A DC 9 O2 ? ? ? 1_555 B G 1 N2 ? ? A DC 9 B G 10 1_555 ? ? ? ? ? ? WATSON-CRICK ? ? ? 
# 
_struct_conn_type.id          hydrog 
_struct_conn_type.criteria    ? 
_struct_conn_type.reference   ? 
# 
loop_
_chem_comp_atom.comp_id 
_chem_comp_atom.atom_id 
_chem_comp_atom.type_symbol 
_chem_comp_atom.pdbx_aromatic_flag 
_chem_comp_atom.pdbx_stereo_config 
_chem_comp_atom.pdbx_ordinal 
A   OP3    O N N 1   
A   P      P N N 2   
A   OP1    O N N 3   
A   OP2    O N N 4   
A   "O5'"  O N N 5   
A   "C5'"  C N N 6   
A   "C4'"  C N R 7   
A   "O4'"  O N N 8   
A   "C3'"  C N S 9   
A   "O3'"  O N N 10  
A   "C2'"  C N R 11  
A   "O2'"  O N N 12  
A   "C1'"  C N R 13  
A   N9     N Y N 14  
A   C8     C Y N 15  
A   N7     N Y N 16  
A   C5     C Y N 17  
A   C6     C Y N 18  
A   N6     N N N 19  
A   N1     N Y N 20  
A   C2     C Y N 21  
A   N3     N Y N 22  
A   C4     C Y N 23  
A   HOP3   H N N 24  
A   HOP2   H N N 25  
A   "H5'"  H N N 26  
A   "H5''" H N N 27  
A   "H4'"  H N N 28  
A   "H3'"  H N N 29  
A   "HO3'" H N N 30  
A   "H2'"  H N N 31  
A   "HO2'" H N N 32  
A   "H1'"  H N N 33  
A   H8     H N N 34  
A   H61    H N N 35  
A   H62    H N N 36  
A   H2     H N N 37  
DC  OP3    O N N 38  
DC  P      P N N 39  
DC  OP1    O N N 40  
DC  OP2    O N N 41  
DC  "O5'"  O N N 42  
DC  "C5'"  C N N 43  
DC  "C4'"  C N R 44  
DC  "O4'"  O N N 45  
DC  "C3'"  C N S 46  
DC  "O3'"  O N N 47  
DC  "C2'"  C N N 48  
DC  "C1'"  C N R 49  
DC  N1     N N N 50  
DC  C2     C N N 51  
DC  O2     O N N 52  
DC  N3     N N N 53  
DC  C4     C N N 54  
DC  N4     N N N 55  
DC  C5     C N N 56  
DC  C6     C N N 57  
DC  HOP3   H N N 58  
DC  HOP2   H N N 59  
DC  "H5'"  H N N 60  
DC  "H5''" H N N 61  
DC  "H4'"  H N N 62  
DC  "H3'"  H N N 63  
DC  "HO3'" H N N 64  
DC  "H2'"  H N N 65  
DC  "H2''" H N N 66  
DC  "H1'"  H N N 67  
DC  H41    H N N 68  
DC  H42    H N N 69  
DC  H5     H N N 70  
DC  H6     H N N 71  
DT  OP3    O N N 72  
DT  P      P N N 73  
DT  OP1    O N N 74  
DT  OP2    O N N 75  
DT  "O5'"  O N N 76  
DT  "C5'"  C N N 77  
DT  "C4'"  C N R 78  
DT  "O4'"  O N N 79  
DT  "C3'"  C N S 80  
DT  "O3'"  O N N 81  
DT  "C2'"  C N N 82  
DT  "C1'"  C N R 83  
DT  N1     N N N 84  
DT  C2     C N N 85  
DT  O2     O N N 86  
DT  N3     N N N 87  
DT  C4     C N N 88  
DT  O4     O N N 89  
DT  C5     C N N 90  
DT  C7     C N N 91  
DT  C6     C N N 92  
DT  HOP3   H N N 93  
DT  HOP2   H N N 94  
DT  "H5'"  H N N 95  
DT  "H5''" H N N 96  
DT  "H4'"  H N N 97  
DT  "H3'"  H N N 98  
DT  "HO3'" H N N 99  
DT  "H2'"  H N N 100 
DT  "H2''" H N N 101 
DT  "H1'"  H N N 102 
DT  H3     H N N 103 
DT  H71    H N N 104 
DT  H72    H N N 105 
DT  H73    H N N 106 
DT  H6     H N N 107 
G   OP3    O N N 108 
G   P      P N N 109 
G   OP1    O N N 110 
G   OP2    O N N 111 
G   "O5'"  O N N 112 
G   "C5'"  C N N 113 
G   "C4'"  C N R 114 
G   "O4'"  O N N 115 
G   "C3'"  C N S 116 
G   "O3'"  O N N 117 
G   "C2'"  C N R 118 
G   "O2'"  O N N 119 
G   "C1'"  C N R 120 
G   N9     N Y N 121 
G   C8     C Y N 122 
G   N7     N Y N 123 
G   C5     C Y N 124 
G   C6     C N N 125 
G   O6     O N N 126 
G   N1     N N N 127 
G   C2     C N N 128 
G   N2     N N N 129 
G   N3     N N N 130 
G   C4     C Y N 131 
G   HOP3   H N N 132 
G   HOP2   H N N 133 
G   "H5'"  H N N 134 
G   "H5''" H N N 135 
G   "H4'"  H N N 136 
G   "H3'"  H N N 137 
G   "HO3'" H N N 138 
G   "H2'"  H N N 139 
G   "HO2'" H N N 140 
G   "H1'"  H N N 141 
G   H8     H N N 142 
G   H1     H N N 143 
G   H21    H N N 144 
G   H22    H N N 145 
HOH O      O N N 146 
HOH H1     H N N 147 
HOH H2     H N N 148 
# 
loop_
_chem_comp_bond.comp_id 
_chem_comp_bond.atom_id_1 
_chem_comp_bond.atom_id_2 
_chem_comp_bond.value_order 
_chem_comp_bond.pdbx_aromatic_flag 
_chem_comp_bond.pdbx_stereo_config 
_chem_comp_bond.pdbx_ordinal 
A   OP3   P      sing N N 1   
A   OP3   HOP3   sing N N 2   
A   P     OP1    doub N N 3   
A   P     OP2    sing N N 4   
A   P     "O5'"  sing N N 5   
A   OP2   HOP2   sing N N 6   
A   "O5'" "C5'"  sing N N 7   
A   "C5'" "C4'"  sing N N 8   
A   "C5'" "H5'"  sing N N 9   
A   "C5'" "H5''" sing N N 10  
A   "C4'" "O4'"  sing N N 11  
A   "C4'" "C3'"  sing N N 12  
A   "C4'" "H4'"  sing N N 13  
A   "O4'" "C1'"  sing N N 14  
A   "C3'" "O3'"  sing N N 15  
A   "C3'" "C2'"  sing N N 16  
A   "C3'" "H3'"  sing N N 17  
A   "O3'" "HO3'" sing N N 18  
A   "C2'" "O2'"  sing N N 19  
A   "C2'" "C1'"  sing N N 20  
A   "C2'" "H2'"  sing N N 21  
A   "O2'" "HO2'" sing N N 22  
A   "C1'" N9     sing N N 23  
A   "C1'" "H1'"  sing N N 24  
A   N9    C8     sing Y N 25  
A   N9    C4     sing Y N 26  
A   C8    N7     doub Y N 27  
A   C8    H8     sing N N 28  
A   N7    C5     sing Y N 29  
A   C5    C6     sing Y N 30  
A   C5    C4     doub Y N 31  
A   C6    N6     sing N N 32  
A   C6    N1     doub Y N 33  
A   N6    H61    sing N N 34  
A   N6    H62    sing N N 35  
A   N1    C2     sing Y N 36  
A   C2    N3     doub Y N 37  
A   C2    H2     sing N N 38  
A   N3    C4     sing Y N 39  
DC  OP3   P      sing N N 40  
DC  OP3   HOP3   sing N N 41  
DC  P     OP1    doub N N 42  
DC  P     OP2    sing N N 43  
DC  P     "O5'"  sing N N 44  
DC  OP2   HOP2   sing N N 45  
DC  "O5'" "C5'"  sing N N 46  
DC  "C5'" "C4'"  sing N N 47  
DC  "C5'" "H5'"  sing N N 48  
DC  "C5'" "H5''" sing N N 49  
DC  "C4'" "O4'"  sing N N 50  
DC  "C4'" "C3'"  sing N N 51  
DC  "C4'" "H4'"  sing N N 52  
DC  "O4'" "C1'"  sing N N 53  
DC  "C3'" "O3'"  sing N N 54  
DC  "C3'" "C2'"  sing N N 55  
DC  "C3'" "H3'"  sing N N 56  
DC  "O3'" "HO3'" sing N N 57  
DC  "C2'" "C1'"  sing N N 58  
DC  "C2'" "H2'"  sing N N 59  
DC  "C2'" "H2''" sing N N 60  
DC  "C1'" N1     sing N N 61  
DC  "C1'" "H1'"  sing N N 62  
DC  N1    C2     sing N N 63  
DC  N1    C6     sing N N 64  
DC  C2    O2     doub N N 65  
DC  C2    N3     sing N N 66  
DC  N3    C4     doub N N 67  
DC  C4    N4     sing N N 68  
DC  C4    C5     sing N N 69  
DC  N4    H41    sing N N 70  
DC  N4    H42    sing N N 71  
DC  C5    C6     doub N N 72  
DC  C5    H5     sing N N 73  
DC  C6    H6     sing N N 74  
DT  OP3   P      sing N N 75  
DT  OP3   HOP3   sing N N 76  
DT  P     OP1    doub N N 77  
DT  P     OP2    sing N N 78  
DT  P     "O5'"  sing N N 79  
DT  OP2   HOP2   sing N N 80  
DT  "O5'" "C5'"  sing N N 81  
DT  "C5'" "C4'"  sing N N 82  
DT  "C5'" "H5'"  sing N N 83  
DT  "C5'" "H5''" sing N N 84  
DT  "C4'" "O4'"  sing N N 85  
DT  "C4'" "C3'"  sing N N 86  
DT  "C4'" "H4'"  sing N N 87  
DT  "O4'" "C1'"  sing N N 88  
DT  "C3'" "O3'"  sing N N 89  
DT  "C3'" "C2'"  sing N N 90  
DT  "C3'" "H3'"  sing N N 91  
DT  "O3'" "HO3'" sing N N 92  
DT  "C2'" "C1'"  sing N N 93  
DT  "C2'" "H2'"  sing N N 94  
DT  "C2'" "H2''" sing N N 95  
DT  "C1'" N1     sing N N 96  
DT  "C1'" "H1'"  sing N N 97  
DT  N1    C2     sing N N 98  
DT  N1    C6     sing N N 99  
DT  C2    O2     doub N N 100 
DT  C2    N3     sing N N 101 
DT  N3    C4     sing N N 102 
DT  N3    H3     sing N N 103 
DT  C4    O4     doub N N 104 
DT  C4    C5     sing N N 105 
DT  C5    C7     sing N N 106 
DT  C5    C6     doub N N 107 
DT  C7    H71    sing N N 108 
DT  C7    H72    sing N N 109 
DT  C7    H73    sing N N 110 
DT  C6    H6     sing N N 111 
G   OP3   P      sing N N 112 
G   OP3   HOP3   sing N N 113 
G   P     OP1    doub N N 114 
G   P     OP2    sing N N 115 
G   P     "O5'"  sing N N 116 
G   OP2   HOP2   sing N N 117 
G   "O5'" "C5'"  sing N N 118 
G   "C5'" "C4'"  sing N N 119 
G   "C5'" "H5'"  sing N N 120 
G   "C5'" "H5''" sing N N 121 
G   "C4'" "O4'"  sing N N 122 
G   "C4'" "C3'"  sing N N 123 
G   "C4'" "H4'"  sing N N 124 
G   "O4'" "C1'"  sing N N 125 
G   "C3'" "O3'"  sing N N 126 
G   "C3'" "C2'"  sing N N 127 
G   "C3'" "H3'"  sing N N 128 
G   "O3'" "HO3'" sing N N 129 
G   "C2'" "O2'"  sing N N 130 
G   "C2'" "C1'"  sing N N 131 
G   "C2'" "H2'"  sing N N 132 
G   "O2'" "HO2'" sing N N 133 
G   "C1'" N9     sing N N 134 
G   "C1'" "H1'"  sing N N 135 
G   N9    C8     sing Y N 136 
G   N9    C4     sing Y N 137 
G   C8    N7     doub Y N 138 
G   C8    H8     sing N N 139 
G   N7    C5     sing Y N 140 
G   C5    C6     sing N N 141 
G   C5    C4     doub Y N 142 
G   C6    O6     doub N N 143 
G   C6    N1     sing N N 144 
G   N1    C2     sing N N 145 
G   N1    H1     sing N N 146 
G   C2    N2     sing N N 147 
G   C2    N3     doub N N 148 
G   N2    H21    sing N N 149 
G   N2    H22    sing N N 150 
G   N3    C4     sing N N 151 
HOH O     H1     sing N N 152 
HOH O     H2     sing N N 153 
# 
_ndb_struct_conf_na.entry_id   479D 
_ndb_struct_conf_na.feature    'a-form double helix' 
# 
loop_
_ndb_struct_na_base_pair.model_number 
_ndb_struct_na_base_pair.i_label_asym_id 
_ndb_struct_na_base_pair.i_label_comp_id 
_ndb_struct_na_base_pair.i_label_seq_id 
_ndb_struct_na_base_pair.i_symmetry 
_ndb_struct_na_base_pair.j_label_asym_id 
_ndb_struct_na_base_pair.j_label_comp_id 
_ndb_struct_na_base_pair.j_label_seq_id 
_ndb_struct_na_base_pair.j_symmetry 
_ndb_struct_na_base_pair.shear 
_ndb_struct_na_base_pair.stretch 
_ndb_struct_na_base_pair.stagger 
_ndb_struct_na_base_pair.buckle 
_ndb_struct_na_base_pair.propeller 
_ndb_struct_na_base_pair.opening 
_ndb_struct_na_base_pair.pair_number 
_ndb_struct_na_base_pair.pair_name 
_ndb_struct_na_base_pair.i_auth_asym_id 
_ndb_struct_na_base_pair.i_auth_seq_id 
_ndb_struct_na_base_pair.i_PDB_ins_code 
_ndb_struct_na_base_pair.j_auth_asym_id 
_ndb_struct_na_base_pair.j_auth_seq_id 
_ndb_struct_na_base_pair.j_PDB_ins_code 
_ndb_struct_na_base_pair.hbond_type_28 
_ndb_struct_na_base_pair.hbond_type_12 
1 A DC 1 1_555 B G 9 1_555 0.311  -0.236 -0.038 -6.011 3.182   4.100  1 A_DC1:G18_B A 1 ? B 18 ? 19 1 
1 A DT 2 1_555 B A 8 1_555 -0.228 -0.242 -0.402 2.142  -7.774  -2.412 2 A_DT2:A17_B A 2 ? B 17 ? 20 1 
1 A DC 3 1_555 B G 7 1_555 0.059  -0.207 -0.001 0.699  -11.145 2.787  3 A_DC3:G16_B A 3 ? B 16 ? 19 1 
1 A DT 4 1_555 B A 6 1_555 0.191  -0.253 0.085  -0.071 -9.511  3.264  4 A_DT4:A15_B A 4 ? B 15 ? 20 1 
1 A DT 5 1_555 B A 5 1_555 -0.316 -0.207 -0.256 12.747 -6.429  -1.197 5 A_DT5:A14_B A 5 ? B 14 ? 20 1 
1 A DC 6 1_555 B G 4 1_555 0.483  -0.260 -0.241 13.473 -12.927 -2.711 6 A_DC6:G13_B A 6 ? B 13 ? 19 1 
1 A DT 7 1_555 B A 3 1_555 0.102  -0.243 -0.194 8.117  -14.959 5.710  7 A_DT7:A12_B A 7 ? B 12 ? 20 1 
1 A DT 8 1_555 B A 2 1_555 -0.263 0.008  -0.067 2.801  -18.099 3.649  8 A_DT8:A11_B A 8 ? B 11 ? 20 1 
1 A DC 9 1_555 B G 1 1_555 0.176  -0.351 -0.348 4.531  -11.772 1.241  9 A_DC9:G10_B A 9 ? B 10 ? 19 1 
# 
loop_
_ndb_struct_na_base_pair_step.model_number 
_ndb_struct_na_base_pair_step.i_label_asym_id_1 
_ndb_struct_na_base_pair_step.i_label_comp_id_1 
_ndb_struct_na_base_pair_step.i_label_seq_id_1 
_ndb_struct_na_base_pair_step.i_symmetry_1 
_ndb_struct_na_base_pair_step.j_label_asym_id_1 
_ndb_struct_na_base_pair_step.j_label_comp_id_1 
_ndb_struct_na_base_pair_step.j_label_seq_id_1 
_ndb_struct_na_base_pair_step.j_symmetry_1 
_ndb_struct_na_base_pair_step.i_label_asym_id_2 
_ndb_struct_na_base_pair_step.i_label_comp_id_2 
_ndb_struct_na_base_pair_step.i_label_seq_id_2 
_ndb_struct_na_base_pair_step.i_symmetry_2 
_ndb_struct_na_base_pair_step.j_label_asym_id_2 
_ndb_struct_na_base_pair_step.j_label_comp_id_2 
_ndb_struct_na_base_pair_step.j_label_seq_id_2 
_ndb_struct_na_base_pair_step.j_symmetry_2 
_ndb_struct_na_base_pair_step.shift 
_ndb_struct_na_base_pair_step.slide 
_ndb_struct_na_base_pair_step.rise 
_ndb_struct_na_base_pair_step.tilt 
_ndb_struct_na_base_pair_step.roll 
_ndb_struct_na_base_pair_step.twist 
_ndb_struct_na_base_pair_step.x_displacement 
_ndb_struct_na_base_pair_step.y_displacement 
_ndb_struct_na_base_pair_step.helical_rise 
_ndb_struct_na_base_pair_step.inclination 
_ndb_struct_na_base_pair_step.tip 
_ndb_struct_na_base_pair_step.helical_twist 
_ndb_struct_na_base_pair_step.step_number 
_ndb_struct_na_base_pair_step.step_name 
_ndb_struct_na_base_pair_step.i_auth_asym_id_1 
_ndb_struct_na_base_pair_step.i_auth_seq_id_1 
_ndb_struct_na_base_pair_step.i_PDB_ins_code_1 
_ndb_struct_na_base_pair_step.j_auth_asym_id_1 
_ndb_struct_na_base_pair_step.j_auth_seq_id_1 
_ndb_struct_na_base_pair_step.j_PDB_ins_code_1 
_ndb_struct_na_base_pair_step.i_auth_asym_id_2 
_ndb_struct_na_base_pair_step.i_auth_seq_id_2 
_ndb_struct_na_base_pair_step.i_PDB_ins_code_2 
_ndb_struct_na_base_pair_step.j_auth_asym_id_2 
_ndb_struct_na_base_pair_step.j_auth_seq_id_2 
_ndb_struct_na_base_pair_step.j_PDB_ins_code_2 
1 A DC 1 1_555 B G 9 1_555 A DT 2 1_555 B A 8 1_555 -1.057 -1.770 3.202 1.708  0.776  25.744 -4.171 2.823  3.073 1.738  -3.827 
25.811 1 AA_DC1DT2:A17G18_BB A 1 ? B 18 ? A 2 ? B 17 ? 
1 A DT 2 1_555 B A 8 1_555 A DC 3 1_555 B G 7 1_555 1.161  -1.565 3.290 1.398  8.528  36.272 -3.535 -1.640 2.902 13.464 -2.207 
37.253 2 AA_DT2DC3:G16A17_BB A 2 ? B 17 ? A 3 ? B 16 ? 
1 A DC 3 1_555 B G 7 1_555 A DT 4 1_555 B A 6 1_555 -0.167 -1.740 3.546 0.553  4.942  27.579 -4.806 0.481  3.188 10.261 -1.147 
28.016 3 AA_DC3DT4:A15G16_BB A 3 ? B 16 ? A 4 ? B 15 ? 
1 A DT 4 1_555 B A 6 1_555 A DT 5 1_555 B A 5 1_555 -0.494 -1.373 3.057 0.047  3.433  25.349 -3.986 1.129  2.848 7.777  -0.107 
25.577 4 AA_DT4DT5:A14A15_BB A 4 ? B 15 ? A 5 ? B 14 ? 
1 A DT 5 1_555 B A 5 1_555 A DC 6 1_555 B G 4 1_555 -0.906 -1.481 3.400 -3.229 14.871 34.073 -4.227 1.005  2.623 23.953 5.201  
37.224 5 AA_DT5DC6:G13A14_BB A 5 ? B 14 ? A 6 ? B 13 ? 
1 A DC 6 1_555 B G 4 1_555 A DT 7 1_555 B A 3 1_555 1.158  -1.267 3.435 2.956  11.240 34.450 -3.618 -1.442 2.976 18.343 -4.823 
36.302 6 AA_DC6DT7:A12G13_BB A 6 ? B 13 ? A 7 ? B 12 ? 
1 A DT 7 1_555 B A 3 1_555 A DT 8 1_555 B A 2 1_555 -0.361 -1.312 3.555 0.270  5.306  29.245 -3.729 0.763  3.268 10.400 -0.530 
29.714 7 AA_DT7DT8:A11A12_BB A 7 ? B 12 ? A 8 ? B 11 ? 
1 A DT 8 1_555 B A 2 1_555 A DC 9 1_555 B G 1 1_555 -0.353 -0.949 3.279 -0.504 5.466  35.708 -2.289 0.500  3.109 8.849  0.815  
36.114 8 AA_DT8DC9:G10A11_BB A 8 ? B 11 ? A 9 ? B 10 ? 
# 
_atom_sites.entry_id                    479D 
_atom_sites.fract_transf_matrix[1][1]   -0.00120039 
_atom_sites.fract_transf_matrix[1][2]   -0.01210044 
_atom_sites.fract_transf_matrix[1][3]   0.02010199 
_atom_sites.fract_transf_matrix[2][1]   0.00891071 
_atom_sites.fract_transf_matrix[2][2]   -0.02170463 
_atom_sites.fract_transf_matrix[2][3]   0.00119555 
_atom_sites.fract_transf_matrix[3][1]   0.01913150 
_atom_sites.fract_transf_matrix[3][2]   0.00818878 
_atom_sites.fract_transf_matrix[3][3]   0.00607169 
_atom_sites.fract_transf_vector[1]      0.459738 
_atom_sites.fract_transf_vector[2]      0.025767 
_atom_sites.fract_transf_vector[3]      0.002807 
# 
loop_
_atom_type.symbol 
C 
N 
O 
P 
# 
loop_
_atom_site.group_PDB 
_atom_site.id 
_atom_site.type_symbol 
_atom_site.label_atom_id 
_atom_site.label_alt_id 
_atom_site.label_comp_id 
_atom_site.label_asym_id 
_atom_site.label_entity_id 
_atom_site.label_seq_id 
_atom_site.pdbx_PDB_ins_code 
_atom_site.Cartn_x 
_atom_site.Cartn_y 
_atom_site.Cartn_z 
_atom_site.occupancy 
_atom_site.B_iso_or_equiv 
_atom_site.pdbx_formal_charge 
_atom_site.auth_seq_id 
_atom_site.auth_comp_id 
_atom_site.auth_asym_id 
_atom_site.auth_atom_id 
_atom_site.pdbx_PDB_model_num 
ATOM   1   O "O5'" . DC  A 1 1 ? -9.762  -9.124  5.992   1.00 53.20 ? 1  DC  A "O5'" 1 
ATOM   2   C "C5'" . DC  A 1 1 ? -10.618 -9.976  5.219   1.00 48.64 ? 1  DC  A "C5'" 1 
ATOM   3   C "C4'" . DC  A 1 1 ? -11.445 -9.280  4.160   1.00 44.16 ? 1  DC  A "C4'" 1 
ATOM   4   O "O4'" . DC  A 1 1 ? -12.308 -8.299  4.765   1.00 44.94 ? 1  DC  A "O4'" 1 
ATOM   5   C "C3'" . DC  A 1 1 ? -10.664 -8.499  3.114   1.00 42.55 ? 1  DC  A "C3'" 1 
ATOM   6   O "O3'" . DC  A 1 1 ? -10.274 -9.357  2.053   1.00 43.09 ? 1  DC  A "O3'" 1 
ATOM   7   C "C2'" . DC  A 1 1 ? -11.701 -7.516  2.612   1.00 41.66 ? 1  DC  A "C2'" 1 
ATOM   8   C "C1'" . DC  A 1 1 ? -12.470 -7.187  3.879   1.00 40.37 ? 1  DC  A "C1'" 1 
ATOM   9   N N1    . DC  A 1 1 ? -11.981 -5.983  4.562   1.00 37.87 ? 1  DC  A N1    1 
ATOM   10  C C2    . DC  A 1 1 ? -12.308 -4.737  4.036   1.00 37.73 ? 1  DC  A C2    1 
ATOM   11  O O2    . DC  A 1 1 ? -13.026 -4.681  3.035   1.00 37.60 ? 1  DC  A O2    1 
ATOM   12  N N3    . DC  A 1 1 ? -11.850 -3.623  4.643   1.00 35.76 ? 1  DC  A N3    1 
ATOM   13  C C4    . DC  A 1 1 ? -11.124 -3.723  5.753   1.00 34.30 ? 1  DC  A C4    1 
ATOM   14  N N4    . DC  A 1 1 ? -10.725 -2.599  6.329   1.00 33.98 ? 1  DC  A N4    1 
ATOM   15  C C5    . DC  A 1 1 ? -10.784 -4.980  6.321   1.00 35.79 ? 1  DC  A C5    1 
ATOM   16  C C6    . DC  A 1 1 ? -11.221 -6.075  5.694   1.00 37.79 ? 1  DC  A C6    1 
ATOM   17  P P     . DT  A 1 2 ? -9.198  -8.851  0.984   1.00 41.92 ? 2  DT  A P     1 
ATOM   18  O OP1   . DT  A 1 2 ? -8.899  -9.951  0.046   1.00 42.43 ? 2  DT  A OP1   1 
ATOM   19  O OP2   . DT  A 1 2 ? -8.102  -8.215  1.775   1.00 41.12 ? 2  DT  A OP2   1 
ATOM   20  O "O5'" . DT  A 1 2 ? -9.984  -7.772  0.128   1.00 37.38 ? 2  DT  A "O5'" 1 
ATOM   21  C "C5'" . DT  A 1 2 ? -10.929 -8.176  -0.838  1.00 30.71 ? 2  DT  A "C5'" 1 
ATOM   22  C "C4'" . DT  A 1 2 ? -11.513 -6.964  -1.524  1.00 32.18 ? 2  DT  A "C4'" 1 
ATOM   23  O "O4'" . DT  A 1 2 ? -12.135 -6.099  -0.560  1.00 31.63 ? 2  DT  A "O4'" 1 
ATOM   24  C "C3'" . DT  A 1 2 ? -10.511 -6.046  -2.179  1.00 31.69 ? 2  DT  A "C3'" 1 
ATOM   25  O "O3'" . DT  A 1 2 ? -10.128 -6.538  -3.431  1.00 42.38 ? 2  DT  A "O3'" 1 
ATOM   26  C "C2'" . DT  A 1 2 ? -11.333 -4.797  -2.358  1.00 32.63 ? 2  DT  A "C2'" 1 
ATOM   27  C "C1'" . DT  A 1 2 ? -12.038 -4.754  -1.022  1.00 30.31 ? 2  DT  A "C1'" 1 
ATOM   28  N N1    . DT  A 1 2 ? -11.259 -4.004  -0.047  1.00 26.67 ? 2  DT  A N1    1 
ATOM   29  C C2    . DT  A 1 2 ? -11.381 -2.648  -0.058  1.00 27.89 ? 2  DT  A C2    1 
ATOM   30  O O2    . DT  A 1 2 ? -12.081 -2.048  -0.852  1.00 32.12 ? 2  DT  A O2    1 
ATOM   31  N N3    . DT  A 1 2 ? -10.661 -2.006  0.885   1.00 26.59 ? 2  DT  A N3    1 
ATOM   32  C C4    . DT  A 1 2 ? -9.846  -2.558  1.820   1.00 29.30 ? 2  DT  A C4    1 
ATOM   33  O O4    . DT  A 1 2 ? -9.274  -1.831  2.615   1.00 34.97 ? 2  DT  A O4    1 
ATOM   34  C C5    . DT  A 1 2 ? -9.742  -3.993  1.778   1.00 30.53 ? 2  DT  A C5    1 
ATOM   35  C C7    . DT  A 1 2 ? -8.864  -4.690  2.773   1.00 30.41 ? 2  DT  A C7    1 
ATOM   36  C C6    . DT  A 1 2 ? -10.445 -4.641  0.847   1.00 26.82 ? 2  DT  A C6    1 
ATOM   37  P P     . DC  A 1 3 ? -8.674  -6.191  -3.975  1.00 47.86 ? 3  DC  A P     1 
ATOM   38  O OP1   . DC  A 1 3 ? -8.576  -6.895  -5.279  1.00 50.86 ? 3  DC  A OP1   1 
ATOM   39  O OP2   . DC  A 1 3 ? -7.704  -6.495  -2.879  1.00 41.07 ? 3  DC  A OP2   1 
ATOM   40  O "O5'" . DC  A 1 3 ? -8.716  -4.612  -4.225  1.00 43.09 ? 3  DC  A "O5'" 1 
ATOM   41  C "C5'" . DC  A 1 3 ? -9.377  -4.070  -5.365  1.00 39.29 ? 3  DC  A "C5'" 1 
ATOM   42  C "C4'" . DC  A 1 3 ? -9.398  -2.559  -5.291  1.00 40.82 ? 3  DC  A "C4'" 1 
ATOM   43  O "O4'" . DC  A 1 3 ? -9.892  -2.132  -4.004  1.00 39.19 ? 3  DC  A "O4'" 1 
ATOM   44  C "C3'" . DC  A 1 3 ? -8.050  -1.859  -5.392  1.00 40.95 ? 3  DC  A "C3'" 1 
ATOM   45  O "O3'" . DC  A 1 3 ? -7.607  -1.733  -6.738  1.00 39.36 ? 3  DC  A "O3'" 1 
ATOM   46  C "C2'" . DC  A 1 3 ? -8.377  -0.500  -4.812  1.00 38.76 ? 3  DC  A "C2'" 1 
ATOM   47  C "C1'" . DC  A 1 3 ? -9.284  -0.882  -3.659  1.00 35.97 ? 3  DC  A "C1'" 1 
ATOM   48  N N1    . DC  A 1 3 ? -8.513  -1.061  -2.426  1.00 32.41 ? 3  DC  A N1    1 
ATOM   49  C C2    . DC  A 1 3 ? -8.160  0.080   -1.700  1.00 29.80 ? 3  DC  A C2    1 
ATOM   50  O O2    . DC  A 1 3 ? -8.477  1.196   -2.143  1.00 31.51 ? 3  DC  A O2    1 
ATOM   51  N N3    . DC  A 1 3 ? -7.467  -0.056  -0.554  1.00 26.51 ? 3  DC  A N3    1 
ATOM   52  C C4    . DC  A 1 3 ? -7.095  -1.269  -0.137  1.00 26.06 ? 3  DC  A C4    1 
ATOM   53  N N4    . DC  A 1 3 ? -6.402  -1.345  0.994   1.00 27.74 ? 3  DC  A N4    1 
ATOM   54  C C5    . DC  A 1 3 ? -7.417  -2.447  -0.861  1.00 27.75 ? 3  DC  A C5    1 
ATOM   55  C C6    . DC  A 1 3 ? -8.130  -2.301  -1.992  1.00 31.07 ? 3  DC  A C6    1 
ATOM   56  P P     . DT  A 1 4 ? -6.039  -1.712  -7.045  1.00 37.55 ? 4  DT  A P     1 
ATOM   57  O OP1   . DT  A 1 4 ? -5.910  -1.909  -8.499  1.00 46.66 ? 4  DT  A OP1   1 
ATOM   58  O OP2   . DT  A 1 4 ? -5.371  -2.650  -6.115  1.00 38.59 ? 4  DT  A OP2   1 
ATOM   59  O "O5'" . DT  A 1 4 ? -5.605  -0.232  -6.673  1.00 35.29 ? 4  DT  A "O5'" 1 
ATOM   60  C "C5'" . DT  A 1 4 ? -6.295  0.880   -7.232  1.00 33.17 ? 4  DT  A "C5'" 1 
ATOM   61  C "C4'" . DT  A 1 4 ? -5.874  2.163   -6.554  1.00 30.08 ? 4  DT  A "C4'" 1 
ATOM   62  O "O4'" . DT  A 1 4 ? -6.288  2.171   -5.171  1.00 30.46 ? 4  DT  A "O4'" 1 
ATOM   63  C "C3'" . DT  A 1 4 ? -4.380  2.400   -6.474  1.00 30.15 ? 4  DT  A "C3'" 1 
ATOM   64  O "O3'" . DT  A 1 4 ? -3.882  2.897   -7.705  1.00 35.76 ? 4  DT  A "O3'" 1 
ATOM   65  C "C2'" . DT  A 1 4 ? -4.306  3.445   -5.383  1.00 29.39 ? 4  DT  A "C2'" 1 
ATOM   66  C "C1'" . DT  A 1 4 ? -5.360  2.940   -4.410  1.00 26.30 ? 4  DT  A "C1'" 1 
ATOM   67  N N1    . DT  A 1 4 ? -4.776  2.068   -3.389  1.00 26.21 ? 4  DT  A N1    1 
ATOM   68  C C2    . DT  A 1 4 ? -4.221  2.685   -2.308  1.00 25.95 ? 4  DT  A C2    1 
ATOM   69  O O2    . DT  A 1 4 ? -4.118  3.904   -2.216  1.00 24.43 ? 4  DT  A O2    1 
ATOM   70  N N3    . DT  A 1 4 ? -3.760  1.829   -1.347  1.00 24.92 ? 4  DT  A N3    1 
ATOM   71  C C4    . DT  A 1 4 ? -3.763  0.441   -1.383  1.00 26.13 ? 4  DT  A C4    1 
ATOM   72  O O4    . DT  A 1 4 ? -3.352  -0.211  -0.416  1.00 28.99 ? 4  DT  A O4    1 
ATOM   73  C C5    . DT  A 1 4 ? -4.279  -0.131  -2.577  1.00 21.39 ? 4  DT  A C5    1 
ATOM   74  C C7    . DT  A 1 4 ? -4.220  -1.609  -2.731  1.00 22.01 ? 4  DT  A C7    1 
ATOM   75  C C6    . DT  A 1 4 ? -4.781  0.692   -3.508  1.00 24.90 ? 4  DT  A C6    1 
ATOM   76  P P     . DT  A 1 5 ? -2.374  2.573   -8.134  1.00 33.84 ? 5  DT  A P     1 
ATOM   77  O OP1   . DT  A 1 5 ? -2.301  2.835   -9.587  1.00 45.12 ? 5  DT  A OP1   1 
ATOM   78  O OP2   . DT  A 1 5 ? -1.952  1.257   -7.599  1.00 40.38 ? 5  DT  A OP2   1 
ATOM   79  O "O5'" . DT  A 1 5 ? -1.526  3.690   -7.403  1.00 34.16 ? 5  DT  A "O5'" 1 
ATOM   80  C "C5'" . DT  A 1 5 ? -1.825  5.050   -7.628  1.00 31.92 ? 5  DT  A "C5'" 1 
ATOM   81  C "C4'" . DT  A 1 5 ? -1.250  5.901   -6.523  1.00 29.51 ? 5  DT  A "C4'" 1 
ATOM   82  O "O4'" . DT  A 1 5 ? -1.859  5.540   -5.276  1.00 28.65 ? 5  DT  A "O4'" 1 
ATOM   83  C "C3'" . DT  A 1 5 ? 0.234   5.742   -6.256  1.00 29.62 ? 5  DT  A "C3'" 1 
ATOM   84  O "O3'" . DT  A 1 5 ? 1.010   6.481   -7.199  1.00 31.53 ? 5  DT  A "O3'" 1 
ATOM   85  C "C2'" . DT  A 1 5 ? 0.334   6.331   -4.870  1.00 27.49 ? 5  DT  A "C2'" 1 
ATOM   86  C "C1'" . DT  A 1 5 ? -0.933  5.778   -4.227  1.00 27.29 ? 5  DT  A "C1'" 1 
ATOM   87  N N1    . DT  A 1 5 ? -0.733  4.506   -3.502  1.00 23.15 ? 5  DT  A N1    1 
ATOM   88  C C2    . DT  A 1 5 ? -0.309  4.605   -2.207  1.00 22.35 ? 5  DT  A C2    1 
ATOM   89  O O2    . DT  A 1 5 ? -0.052  5.673   -1.682  1.00 22.72 ? 5  DT  A O2    1 
ATOM   90  N N3    . DT  A 1 5 ? -0.191  3.411   -1.545  1.00 20.05 ? 5  DT  A N3    1 
ATOM   91  C C4    . DT  A 1 5 ? -0.447  2.160   -2.050  1.00 22.11 ? 5  DT  A C4    1 
ATOM   92  O O4    . DT  A 1 5 ? -0.325  1.189   -1.331  1.00 26.48 ? 5  DT  A O4    1 
ATOM   93  C C5    . DT  A 1 5 ? -0.858  2.117   -3.436  1.00 21.69 ? 5  DT  A C5    1 
ATOM   94  C C7    . DT  A 1 5 ? -1.132  0.790   -4.064  1.00 20.02 ? 5  DT  A C7    1 
ATOM   95  C C6    . DT  A 1 5 ? -0.975  3.278   -4.094  1.00 21.70 ? 5  DT  A C6    1 
ATOM   96  P P     . DC  A 1 6 ? 2.537   6.066   -7.472  1.00 32.32 ? 6  DC  A P     1 
ATOM   97  O OP1   . DC  A 1 6 ? 2.964   6.827   -8.656  1.00 40.31 ? 6  DC  A OP1   1 
ATOM   98  O OP2   . DC  A 1 6 ? 2.650   4.587   -7.467  1.00 39.44 ? 6  DC  A OP2   1 
ATOM   99  O "O5'" . DC  A 1 6 ? 3.324   6.584   -6.194  1.00 31.27 ? 6  DC  A "O5'" 1 
ATOM   100 C "C5'" . DC  A 1 6 ? 3.700   7.940   -6.063  1.00 30.50 ? 6  DC  A "C5'" 1 
ATOM   101 C "C4'" . DC  A 1 6 ? 4.449   8.121   -4.770  1.00 26.24 ? 6  DC  A "C4'" 1 
ATOM   102 O "O4'" . DC  A 1 6 ? 3.631   7.606   -3.709  1.00 23.46 ? 6  DC  A "O4'" 1 
ATOM   103 C "C3'" . DC  A 1 6 ? 5.702   7.281   -4.677  1.00 26.02 ? 6  DC  A "C3'" 1 
ATOM   104 O "O3'" . DC  A 1 6 ? 6.790   7.917   -5.316  1.00 28.42 ? 6  DC  A "O3'" 1 
ATOM   105 C "C2'" . DC  A 1 6 ? 5.896   7.201   -3.179  1.00 28.27 ? 6  DC  A "C2'" 1 
ATOM   106 C "C1'" . DC  A 1 6 ? 4.461   7.033   -2.715  1.00 20.88 ? 6  DC  A "C1'" 1 
ATOM   107 N N1    . DC  A 1 6 ? 4.057   5.639   -2.554  1.00 21.31 ? 6  DC  A N1    1 
ATOM   108 C C2    . DC  A 1 6 ? 4.339   5.012   -1.351  1.00 18.44 ? 6  DC  A C2    1 
ATOM   109 O O2    . DC  A 1 6 ? 4.940   5.643   -0.486  1.00 21.64 ? 6  DC  A O2    1 
ATOM   110 N N3    . DC  A 1 6 ? 3.959   3.741   -1.161  1.00 14.92 ? 6  DC  A N3    1 
ATOM   111 C C4    . DC  A 1 6 ? 3.327   3.084   -2.126  1.00 17.81 ? 6  DC  A C4    1 
ATOM   112 N N4    . DC  A 1 6 ? 2.983   1.808   -1.887  1.00 23.57 ? 6  DC  A N4    1 
ATOM   113 C C5    . DC  A 1 6 ? 3.022   3.691   -3.374  1.00 13.96 ? 6  DC  A C5    1 
ATOM   114 C C6    . DC  A 1 6 ? 3.407   4.964   -3.547  1.00 18.28 ? 6  DC  A C6    1 
ATOM   115 P P     . DT  A 1 7 ? 7.885   7.022   -6.073  1.00 32.84 ? 7  DT  A P     1 
ATOM   116 O OP1   . DT  A 1 7 ? 8.804   7.942   -6.770  1.00 39.04 ? 7  DT  A OP1   1 
ATOM   117 O OP2   . DT  A 1 7 ? 7.164   5.975   -6.844  1.00 34.29 ? 7  DT  A OP2   1 
ATOM   118 O "O5'" . DT  A 1 7 ? 8.706   6.321   -4.909  1.00 32.40 ? 7  DT  A "O5'" 1 
ATOM   119 C "C5'" . DT  A 1 7 ? 9.412   7.097   -3.955  1.00 28.06 ? 7  DT  A "C5'" 1 
ATOM   120 C "C4'" . DT  A 1 7 ? 9.823   6.226   -2.793  1.00 20.09 ? 7  DT  A "C4'" 1 
ATOM   121 O "O4'" . DT  A 1 7 ? 8.632   5.672   -2.207  1.00 24.82 ? 7  DT  A "O4'" 1 
ATOM   122 C "C3'" . DT  A 1 7 ? 10.639  5.000   -3.156  1.00 21.24 ? 7  DT  A "C3'" 1 
ATOM   123 O "O3'" . DT  A 1 7 ? 12.022  5.327   -3.246  1.00 30.83 ? 7  DT  A "O3'" 1 
ATOM   124 C "C2'" . DT  A 1 7 ? 10.396  4.124   -1.950  1.00 18.26 ? 7  DT  A "C2'" 1 
ATOM   125 C "C1'" . DT  A 1 7 ? 8.941   4.414   -1.624  1.00 15.78 ? 7  DT  A "C1'" 1 
ATOM   126 N N1    . DT  A 1 7 ? 8.029   3.438   -2.184  1.00 13.00 ? 7  DT  A N1    1 
ATOM   127 C C2    . DT  A 1 7 ? 7.776   2.313   -1.457  1.00 16.12 ? 7  DT  A C2    1 
ATOM   128 O O2    . DT  A 1 7 ? 8.347   2.053   -0.412  1.00 15.54 ? 7  DT  A O2    1 
ATOM   129 N N3    . DT  A 1 7 ? 6.854   1.481   -2.008  1.00 13.91 ? 7  DT  A N3    1 
ATOM   130 C C4    . DT  A 1 7 ? 6.197   1.637   -3.206  1.00 17.74 ? 7  DT  A C4    1 
ATOM   131 O O4    . DT  A 1 7 ? 5.365   0.798   -3.560  1.00 24.09 ? 7  DT  A O4    1 
ATOM   132 C C5    . DT  A 1 7 ? 6.555   2.815   -3.951  1.00 16.86 ? 7  DT  A C5    1 
ATOM   133 C C7    . DT  A 1 7 ? 5.932   3.046   -5.295  1.00 19.36 ? 7  DT  A C7    1 
ATOM   134 C C6    . DT  A 1 7 ? 7.437   3.651   -3.403  1.00 14.20 ? 7  DT  A C6    1 
ATOM   135 P P     . DT  A 1 8 ? 13.003  4.404   -4.128  1.00 30.64 ? 8  DT  A P     1 
ATOM   136 O OP1   . DT  A 1 8 ? 14.286  5.108   -4.296  1.00 31.45 ? 8  DT  A OP1   1 
ATOM   137 O OP2   . DT  A 1 8 ? 12.219  3.972   -5.307  1.00 29.51 ? 8  DT  A OP2   1 
ATOM   138 O "O5'" . DT  A 1 8 ? 13.286  3.124   -3.236  1.00 28.01 ? 8  DT  A "O5'" 1 
ATOM   139 C "C5'" . DT  A 1 8 ? 14.224  3.154   -2.162  1.00 26.21 ? 8  DT  A "C5'" 1 
ATOM   140 C "C4'" . DT  A 1 8 ? 14.010  1.952   -1.268  1.00 20.23 ? 8  DT  A "C4'" 1 
ATOM   141 O "O4'" . DT  A 1 8 ? 12.591  1.750   -1.101  1.00 20.55 ? 8  DT  A "O4'" 1 
ATOM   142 C "C3'" . DT  A 1 8 ? 14.486  0.623   -1.827  1.00 22.53 ? 8  DT  A "C3'" 1 
ATOM   143 O "O3'" . DT  A 1 8 ? 15.883  0.446   -1.583  1.00 32.66 ? 8  DT  A "O3'" 1 
ATOM   144 C "C2'" . DT  A 1 8 ? 13.659  -0.370  -1.040  1.00 18.18 ? 8  DT  A "C2'" 1 
ATOM   145 C "C1'" . DT  A 1 8 ? 12.333  0.348   -0.920  1.00 19.21 ? 8  DT  A "C1'" 1 
ATOM   146 N N1    . DT  A 1 8 ? 11.343  -0.063  -1.907  1.00 17.35 ? 8  DT  A N1    1 
ATOM   147 C C2    . DT  A 1 8 ? 10.654  -1.219  -1.680  1.00 16.64 ? 8  DT  A C2    1 
ATOM   148 O O2    . DT  A 1 8 ? 10.869  -1.941  -0.723  1.00 26.34 ? 8  DT  A O2    1 
ATOM   149 N N3    . DT  A 1 8 ? 9.703   -1.516  -2.608  1.00 13.33 ? 8  DT  A N3    1 
ATOM   150 C C4    . DT  A 1 8 ? 9.380   -0.785  -3.724  1.00 14.66 ? 8  DT  A C4    1 
ATOM   151 O O4    . DT  A 1 8 ? 8.473   -1.170  -4.456  1.00 18.97 ? 8  DT  A O4    1 
ATOM   152 C C5    . DT  A 1 8 ? 10.165  0.417   -3.927  1.00 10.99 ? 8  DT  A C5    1 
ATOM   153 C C7    . DT  A 1 8 ? 9.881   1.282   -5.111  1.00 10.58 ? 8  DT  A C7    1 
ATOM   154 C C6    . DT  A 1 8 ? 11.105  0.709   -3.026  1.00 15.08 ? 8  DT  A C6    1 
ATOM   155 P P     . DC  A 1 9 ? 16.764  -0.432  -2.602  1.00 33.93 ? 9  DC  A P     1 
ATOM   156 O OP1   . DC  A 1 9 ? 18.185  -0.172  -2.304  1.00 39.56 ? 9  DC  A OP1   1 
ATOM   157 O OP2   . DC  A 1 9 ? 16.237  -0.175  -3.977  1.00 32.94 ? 9  DC  A OP2   1 
ATOM   158 O "O5'" . DC  A 1 9 ? 16.436  -1.935  -2.184  1.00 32.57 ? 9  DC  A "O5'" 1 
ATOM   159 C "C5'" . DC  A 1 9 ? 16.512  -2.370  -0.827  1.00 26.83 ? 9  DC  A "C5'" 1 
ATOM   160 C "C4'" . DC  A 1 9 ? 15.941  -3.764  -0.703  1.00 26.41 ? 9  DC  A "C4'" 1 
ATOM   161 O "O4'" . DC  A 1 9 ? 14.500  -3.708  -0.770  1.00 28.77 ? 9  DC  A "O4'" 1 
ATOM   162 C "C3'" . DC  A 1 9 ? 16.329  -4.698  -1.838  1.00 28.20 ? 9  DC  A "C3'" 1 
ATOM   163 O "O3'" . DC  A 1 9 ? 17.582  -5.254  -1.515  1.00 36.51 ? 9  DC  A "O3'" 1 
ATOM   164 C "C2'" . DC  A 1 9 ? 15.206  -5.709  -1.830  1.00 28.75 ? 9  DC  A "C2'" 1 
ATOM   165 C "C1'" . DC  A 1 9 ? 13.999  -4.870  -1.433  1.00 28.27 ? 9  DC  A "C1'" 1 
ATOM   166 N N1    . DC  A 1 9 ? 13.156  -4.433  -2.557  1.00 26.67 ? 9  DC  A N1    1 
ATOM   167 C C2    . DC  A 1 9 ? 12.076  -5.220  -2.925  1.00 27.06 ? 9  DC  A C2    1 
ATOM   168 O O2    . DC  A 1 9 ? 11.921  -6.316  -2.368  1.00 28.69 ? 9  DC  A O2    1 
ATOM   169 N N3    . DC  A 1 9 ? 11.243  -4.791  -3.895  1.00 26.03 ? 9  DC  A N3    1 
ATOM   170 C C4    . DC  A 1 9 ? 11.499  -3.651  -4.528  1.00 25.28 ? 9  DC  A C4    1 
ATOM   171 N N4    . DC  A 1 9 ? 10.665  -3.272  -5.488  1.00 29.12 ? 9  DC  A N4    1 
ATOM   172 C C5    . DC  A 1 9 ? 12.623  -2.850  -4.210  1.00 23.96 ? 9  DC  A C5    1 
ATOM   173 C C6    . DC  A 1 9 ? 13.416  -3.270  -3.222  1.00 27.12 ? 9  DC  A C6    1 
ATOM   174 O "O5'" . G   B 2 1 ? 2.678   -9.721  -7.326  1.00 48.73 ? 10 G   B "O5'" 1 
ATOM   175 C "C5'" . G   B 2 1 ? 3.167   -11.057 -7.431  1.00 40.19 ? 10 G   B "C5'" 1 
ATOM   176 C "C4'" . G   B 2 1 ? 4.233   -11.317 -6.397  1.00 40.26 ? 10 G   B "C4'" 1 
ATOM   177 O "O4'" . G   B 2 1 ? 5.529   -10.902 -6.894  1.00 36.87 ? 10 G   B "O4'" 1 
ATOM   178 C "C3'" . G   B 2 1 ? 4.099   -10.566 -5.086  1.00 37.45 ? 10 G   B "C3'" 1 
ATOM   179 O "O3'" . G   B 2 1 ? 3.180   -11.220 -4.233  1.00 41.98 ? 10 G   B "O3'" 1 
ATOM   180 C "C2'" . G   B 2 1 ? 5.517   -10.650 -4.540  1.00 39.45 ? 10 G   B "C2'" 1 
ATOM   181 O "O2'" . G   B 2 1 ? 5.817   -11.905 -3.967  1.00 34.50 ? 10 G   B "O2'" 1 
ATOM   182 C "C1'" . G   B 2 1 ? 6.336   -10.463 -5.817  1.00 35.66 ? 10 G   B "C1'" 1 
ATOM   183 N N9    . G   B 2 1 ? 6.650   -9.066  -6.062  1.00 35.33 ? 10 G   B N9    1 
ATOM   184 C C8    . G   B 2 1 ? 5.960   -8.213  -6.882  1.00 33.72 ? 10 G   B C8    1 
ATOM   185 N N7    . G   B 2 1 ? 6.486   -7.024  -6.941  1.00 34.75 ? 10 G   B N7    1 
ATOM   186 C C5    . G   B 2 1 ? 7.586   -7.095  -6.100  1.00 34.54 ? 10 G   B C5    1 
ATOM   187 C C6    . G   B 2 1 ? 8.549   -6.115  -5.768  1.00 34.59 ? 10 G   B C6    1 
ATOM   188 O O6    . G   B 2 1 ? 8.640   -4.967  -6.180  1.00 36.27 ? 10 G   B O6    1 
ATOM   189 N N1    . G   B 2 1 ? 9.478   -6.596  -4.859  1.00 34.72 ? 10 G   B N1    1 
ATOM   190 C C2    . G   B 2 1 ? 9.484   -7.861  -4.345  1.00 33.35 ? 10 G   B C2    1 
ATOM   191 N N2    . G   B 2 1 ? 10.451  -8.128  -3.474  1.00 34.61 ? 10 G   B N2    1 
ATOM   192 N N3    . G   B 2 1 ? 8.605   -8.793  -4.660  1.00 34.50 ? 10 G   B N3    1 
ATOM   193 C C4    . G   B 2 1 ? 7.691   -8.345  -5.538  1.00 34.57 ? 10 G   B C4    1 
ATOM   194 P P     . A   B 2 2 ? 2.537   -10.423 -3.005  1.00 39.37 ? 11 A   B P     1 
ATOM   195 O OP1   . A   B 2 2 ? 1.619   -11.332 -2.282  1.00 47.76 ? 11 A   B OP1   1 
ATOM   196 O OP2   . A   B 2 2 ? 2.031   -9.125  -3.520  1.00 44.77 ? 11 A   B OP2   1 
ATOM   197 O "O5'" . A   B 2 2 ? 3.782   -10.092 -2.070  1.00 42.31 ? 11 A   B "O5'" 1 
ATOM   198 C "C5'" . A   B 2 2 ? 4.295   -11.048 -1.163  1.00 38.29 ? 11 A   B "C5'" 1 
ATOM   199 C "C4'" . A   B 2 2 ? 5.494   -10.480 -0.448  1.00 37.59 ? 11 A   B "C4'" 1 
ATOM   200 O "O4'" . A   B 2 2 ? 6.409   -9.969  -1.455  1.00 38.34 ? 11 A   B "O4'" 1 
ATOM   201 C "C3'" . A   B 2 2 ? 5.259   -9.272  0.453   1.00 37.01 ? 11 A   B "C3'" 1 
ATOM   202 O "O3'" . A   B 2 2 ? 4.862   -9.644  1.774   1.00 43.80 ? 11 A   B "O3'" 1 
ATOM   203 C "C2'" . A   B 2 2 ? 6.652   -8.676  0.501   1.00 36.42 ? 11 A   B "C2'" 1 
ATOM   204 O "O2'" . A   B 2 2 ? 7.528   -9.449  1.296   1.00 40.98 ? 11 A   B "O2'" 1 
ATOM   205 C "C1'" . A   B 2 2 ? 7.067   -8.814  -0.956  1.00 33.76 ? 11 A   B "C1'" 1 
ATOM   206 N N9    . A   B 2 2 ? 6.647   -7.662  -1.751  1.00 28.21 ? 11 A   B N9    1 
ATOM   207 C C8    . A   B 2 2 ? 5.533   -7.543  -2.540  1.00 24.69 ? 11 A   B C8    1 
ATOM   208 N N7    . A   B 2 2 ? 5.452   -6.398  -3.167  1.00 25.80 ? 11 A   B N7    1 
ATOM   209 C C5    . A   B 2 2 ? 6.589   -5.705  -2.751  1.00 27.25 ? 11 A   B C5    1 
ATOM   210 C C6    . A   B 2 2 ? 7.100   -4.414  -3.059  1.00 25.76 ? 11 A   B C6    1 
ATOM   211 N N6    . A   B 2 2 ? 6.503   -3.558  -3.895  1.00 25.79 ? 11 A   B N6    1 
ATOM   212 N N1    . A   B 2 2 ? 8.251   -4.035  -2.471  1.00 26.45 ? 11 A   B N1    1 
ATOM   213 C C2    . A   B 2 2 ? 8.849   -4.890  -1.629  1.00 25.72 ? 11 A   B C2    1 
ATOM   214 N N3    . A   B 2 2 ? 8.473   -6.116  -1.261  1.00 27.41 ? 11 A   B N3    1 
ATOM   215 C C4    . A   B 2 2 ? 7.324   -6.470  -1.866  1.00 27.66 ? 11 A   B C4    1 
ATOM   216 P P     . A   B 2 3 ? 3.946   -8.646  2.651   1.00 43.00 ? 12 A   B P     1 
ATOM   217 O OP1   . A   B 2 3 ? 3.591   -9.396  3.877   1.00 46.21 ? 12 A   B OP1   1 
ATOM   218 O OP2   . A   B 2 3 ? 2.862   -8.102  1.779   1.00 42.18 ? 12 A   B OP2   1 
ATOM   219 O "O5'" . A   B 2 3 ? 4.908   -7.438  3.048   1.00 37.49 ? 12 A   B "O5'" 1 
ATOM   220 C "C5'" . A   B 2 3 ? 5.985   -7.633  3.947   1.00 35.54 ? 12 A   B "C5'" 1 
ATOM   221 C "C4'" . A   B 2 3 ? 6.914   -6.438  3.934   1.00 33.32 ? 12 A   B "C4'" 1 
ATOM   222 O "O4'" . A   B 2 3 ? 7.348   -6.188  2.575   1.00 35.68 ? 12 A   B "O4'" 1 
ATOM   223 C "C3'" . A   B 2 3 ? 6.336   -5.097  4.353   1.00 34.91 ? 12 A   B "C3'" 1 
ATOM   224 O "O3'" . A   B 2 3 ? 6.304   -4.962  5.761   1.00 35.27 ? 12 A   B "O3'" 1 
ATOM   225 C "C2'" . A   B 2 3 ? 7.336   -4.126  3.746   1.00 35.85 ? 12 A   B "C2'" 1 
ATOM   226 O "O2'" . A   B 2 3 ? 8.544   -4.034  4.477   1.00 39.32 ? 12 A   B "O2'" 1 
ATOM   227 C "C1'" . A   B 2 3 ? 7.613   -4.800  2.407   1.00 32.98 ? 12 A   B "C1'" 1 
ATOM   228 N N9    . A   B 2 3 ? 6.734   -4.281  1.370   1.00 26.54 ? 12 A   B N9    1 
ATOM   229 C C8    . A   B 2 3 ? 5.634   -4.861  0.805   1.00 25.04 ? 12 A   B C8    1 
ATOM   230 N N7    . A   B 2 3 ? 5.063   -4.119  -0.116  1.00 25.93 ? 12 A   B N7    1 
ATOM   231 C C5    . A   B 2 3 ? 5.846   -2.974  -0.147  1.00 26.36 ? 12 A   B C5    1 
ATOM   232 C C6    . A   B 2 3 ? 5.767   -1.795  -0.903  1.00 26.32 ? 12 A   B C6    1 
ATOM   233 N N6    . A   B 2 3 ? 4.809   -1.549  -1.793  1.00 28.13 ? 12 A   B N6    1 
ATOM   234 N N1    . A   B 2 3 ? 6.711   -0.859  -0.699  1.00 26.53 ? 12 A   B N1    1 
ATOM   235 C C2    . A   B 2 3 ? 7.649   -1.090  0.228   1.00 26.69 ? 12 A   B C2    1 
ATOM   236 N N3    . A   B 2 3 ? 7.816   -2.147  1.008   1.00 25.29 ? 12 A   B N3    1 
ATOM   237 C C4    . A   B 2 3 ? 6.875   -3.064  0.763   1.00 25.64 ? 12 A   B C4    1 
ATOM   238 P P     . G   B 2 4 ? 5.330   -3.878  6.426   1.00 40.87 ? 13 G   B P     1 
ATOM   239 O OP1   . G   B 2 4 ? 5.248   -4.188  7.872   1.00 49.05 ? 13 G   B OP1   1 
ATOM   240 O OP2   . G   B 2 4 ? 4.076   -3.777  5.636   1.00 47.89 ? 13 G   B OP2   1 
ATOM   241 O "O5'" . G   B 2 4 ? 6.126   -2.513  6.232   1.00 43.20 ? 13 G   B "O5'" 1 
ATOM   242 C "C5'" . G   B 2 4 ? 7.282   -2.240  7.009   1.00 41.07 ? 13 G   B "C5'" 1 
ATOM   243 C "C4'" . G   B 2 4 ? 7.694   -0.801  6.855   1.00 41.21 ? 13 G   B "C4'" 1 
ATOM   244 O "O4'" . G   B 2 4 ? 8.222   -0.586  5.512   1.00 40.90 ? 13 G   B "O4'" 1 
ATOM   245 C "C3'" . G   B 2 4 ? 6.572   0.215   6.976   1.00 41.88 ? 13 G   B "C3'" 1 
ATOM   246 O "O3'" . G   B 2 4 ? 6.256   0.527   8.319   1.00 46.67 ? 13 G   B "O3'" 1 
ATOM   247 C "C2'" . G   B 2 4 ? 7.157   1.393   6.222   1.00 41.27 ? 13 G   B "C2'" 1 
ATOM   248 O "O2'" . G   B 2 4 ? 8.184   2.015   6.962   1.00 42.33 ? 13 G   B "O2'" 1 
ATOM   249 C "C1'" . G   B 2 4 ? 7.764   0.667   5.022   1.00 36.60 ? 13 G   B "C1'" 1 
ATOM   250 N N9    . G   B 2 4 ? 6.734   0.402   4.030   1.00 31.70 ? 13 G   B N9    1 
ATOM   251 C C8    . G   B 2 4 ? 6.011   -0.754  3.845   1.00 30.96 ? 13 G   B C8    1 
ATOM   252 N N7    . G   B 2 4 ? 5.149   -0.664  2.868   1.00 31.45 ? 13 G   B N7    1 
ATOM   253 C C5    . G   B 2 4 ? 5.324   0.624   2.380   1.00 30.85 ? 13 G   B C5    1 
ATOM   254 C C6    . G   B 2 4 ? 4.692   1.304   1.307   1.00 26.70 ? 13 G   B C6    1 
ATOM   255 O O6    . G   B 2 4 ? 3.844   0.891   0.527   1.00 30.75 ? 13 G   B O6    1 
ATOM   256 N N1    . G   B 2 4 ? 5.171   2.596   1.172   1.00 28.73 ? 13 G   B N1    1 
ATOM   257 C C2    . G   B 2 4 ? 6.142   3.164   1.951   1.00 30.40 ? 13 G   B C2    1 
ATOM   258 N N2    . G   B 2 4 ? 6.473   4.420   1.666   1.00 33.43 ? 13 G   B N2    1 
ATOM   259 N N3    . G   B 2 4 ? 6.750   2.542   2.940   1.00 33.37 ? 13 G   B N3    1 
ATOM   260 C C4    . G   B 2 4 ? 6.296   1.288   3.097   1.00 31.58 ? 13 G   B C4    1 
ATOM   261 P P     . A   B 2 5 ? 4.727   0.803   8.717   1.00 48.16 ? 14 A   B P     1 
ATOM   262 O OP1   . A   B 2 5 ? 4.678   1.147   10.164  1.00 52.11 ? 14 A   B OP1   1 
ATOM   263 O OP2   . A   B 2 5 ? 3.926   -0.335  8.203   1.00 50.33 ? 14 A   B OP2   1 
ATOM   264 O "O5'" . A   B 2 5 ? 4.332   2.090   7.868   1.00 46.26 ? 14 A   B "O5'" 1 
ATOM   265 C "C5'" . A   B 2 5 ? 4.812   3.381   8.226   1.00 39.19 ? 14 A   B "C5'" 1 
ATOM   266 C "C4'" . A   B 2 5 ? 4.241   4.428   7.296   1.00 38.73 ? 14 A   B "C4'" 1 
ATOM   267 O "O4'" . A   B 2 5 ? 4.624   4.115   5.934   1.00 38.92 ? 14 A   B "O4'" 1 
ATOM   268 C "C3'" . A   B 2 5 ? 2.727   4.512   7.177   1.00 39.55 ? 14 A   B "C3'" 1 
ATOM   269 O "O3'" . A   B 2 5 ? 2.139   5.217   8.250   1.00 46.40 ? 14 A   B "O3'" 1 
ATOM   270 C "C2'" . A   B 2 5 ? 2.593   5.303   5.896   1.00 34.00 ? 14 A   B "C2'" 1 
ATOM   271 O "O2'" . A   B 2 5 ? 3.037   6.618   6.092   1.00 37.35 ? 14 A   B "O2'" 1 
ATOM   272 C "C1'" . A   B 2 5 ? 3.630   4.600   5.042   1.00 33.86 ? 14 A   B "C1'" 1 
ATOM   273 N N9    . A   B 2 5 ? 3.017   3.475   4.351   1.00 30.14 ? 14 A   B N9    1 
ATOM   274 C C8    . A   B 2 5 ? 2.960   2.158   4.701   1.00 23.53 ? 14 A   B C8    1 
ATOM   275 N N7    . A   B 2 5 ? 2.321   1.416   3.836   1.00 26.94 ? 14 A   B N7    1 
ATOM   276 C C5    . A   B 2 5 ? 1.929   2.315   2.851   1.00 26.69 ? 14 A   B C5    1 
ATOM   277 C C6    . A   B 2 5 ? 1.202   2.165   1.659   1.00 26.88 ? 14 A   B C6    1 
ATOM   278 N N6    . A   B 2 5 ? 0.730   1.004   1.221   1.00 27.80 ? 14 A   B N6    1 
ATOM   279 N N1    . A   B 2 5 ? 0.970   3.270   0.918   1.00 30.24 ? 14 A   B N1    1 
ATOM   280 C C2    . A   B 2 5 ? 1.436   4.436   1.355   1.00 23.93 ? 14 A   B C2    1 
ATOM   281 N N3    . A   B 2 5 ? 2.135   4.702   2.453   1.00 28.43 ? 14 A   B N3    1 
ATOM   282 C C4    . A   B 2 5 ? 2.349   3.581   3.161   1.00 27.62 ? 14 A   B C4    1 
ATOM   283 P P     . A   B 2 6 ? 0.615   4.919   8.646   1.00 50.24 ? 15 A   B P     1 
ATOM   284 O OP1   . A   B 2 6 ? 0.370   5.582   9.949   1.00 57.39 ? 15 A   B OP1   1 
ATOM   285 O OP2   . A   B 2 6 ? 0.347   3.456   8.501   1.00 47.28 ? 15 A   B OP2   1 
ATOM   286 O "O5'" . A   B 2 6 ? -0.213  5.706   7.539   1.00 48.33 ? 15 A   B "O5'" 1 
ATOM   287 C "C5'" . A   B 2 6 ? -0.145  7.123   7.466   1.00 46.91 ? 15 A   B "C5'" 1 
ATOM   288 C "C4'" . A   B 2 6 ? -0.663  7.620   6.129   1.00 42.41 ? 15 A   B "C4'" 1 
ATOM   289 O "O4'" . A   B 2 6 ? -0.017  6.880   5.059   1.00 39.04 ? 15 A   B "O4'" 1 
ATOM   290 C "C3'" . A   B 2 6 ? -2.136  7.417   5.845   1.00 40.18 ? 15 A   B "C3'" 1 
ATOM   291 O "O3'" . A   B 2 6 ? -2.905  8.446   6.437   1.00 43.97 ? 15 A   B "O3'" 1 
ATOM   292 C "C2'" . A   B 2 6 ? -2.152  7.551   4.341   1.00 35.59 ? 15 A   B "C2'" 1 
ATOM   293 O "O2'" . A   B 2 6 ? -1.946  8.900   3.983   1.00 39.38 ? 15 A   B "O2'" 1 
ATOM   294 C "C1'" . A   B 2 6 ? -0.903  6.758   3.971   1.00 32.63 ? 15 A   B "C1'" 1 
ATOM   295 N N9    . A   B 2 6 ? -1.184  5.342   3.776   1.00 27.72 ? 15 A   B N9    1 
ATOM   296 C C8    . A   B 2 6 ? -0.976  4.305   4.643   1.00 25.00 ? 15 A   B C8    1 
ATOM   297 N N7    . A   B 2 6 ? -1.348  3.144   4.167   1.00 28.78 ? 15 A   B N7    1 
ATOM   298 C C5    . A   B 2 6 ? -1.823  3.442   2.890   1.00 26.27 ? 15 A   B C5    1 
ATOM   299 C C6    . A   B 2 6 ? -2.354  2.649   1.864   1.00 25.41 ? 15 A   B C6    1 
ATOM   300 N N6    . A   B 2 6 ? -2.500  1.324   1.949   1.00 29.52 ? 15 A   B N6    1 
ATOM   301 N N1    . A   B 2 6 ? -2.738  3.263   0.729   1.00 22.81 ? 15 A   B N1    1 
ATOM   302 C C2    . A   B 2 6 ? -2.593  4.578   0.632   1.00 21.07 ? 15 A   B C2    1 
ATOM   303 N N3    . A   B 2 6 ? -2.104  5.431   1.520   1.00 25.39 ? 15 A   B N3    1 
ATOM   304 C C4    . A   B 2 6 ? -1.731  4.789   2.643   1.00 25.56 ? 15 A   B C4    1 
ATOM   305 P P     . G   B 2 7 ? -4.336  8.097   7.062   1.00 46.46 ? 16 G   B P     1 
ATOM   306 O OP1   . G   B 2 7 ? -4.717  9.239   7.932   1.00 51.44 ? 16 G   B OP1   1 
ATOM   307 O OP2   . G   B 2 7 ? -4.302  6.717   7.619   1.00 47.30 ? 16 G   B OP2   1 
ATOM   308 O "O5'" . G   B 2 7 ? -5.293  8.075   5.803   1.00 40.56 ? 16 G   B "O5'" 1 
ATOM   309 C "C5'" . G   B 2 7 ? -5.343  9.195   4.960   1.00 41.11 ? 16 G   B "C5'" 1 
ATOM   310 C "C4'" . G   B 2 7 ? -5.813  8.794   3.602   1.00 37.56 ? 16 G   B "C4'" 1 
ATOM   311 O "O4'" . G   B 2 7 ? -4.956  7.737   3.133   1.00 34.32 ? 16 G   B "O4'" 1 
ATOM   312 C "C3'" . G   B 2 7 ? -7.168  8.125   3.521   1.00 39.11 ? 16 G   B "C3'" 1 
ATOM   313 O "O3'" . G   B 2 7 ? -8.224  9.067   3.546   1.00 44.78 ? 16 G   B "O3'" 1 
ATOM   314 C "C2'" . G   B 2 7 ? -7.076  7.517   2.142   1.00 34.31 ? 16 G   B "C2'" 1 
ATOM   315 O "O2'" . G   B 2 7 ? -7.135  8.540   1.176   1.00 31.26 ? 16 G   B "O2'" 1 
ATOM   316 C "C1'" . G   B 2 7 ? -5.660  6.966   2.182   1.00 31.09 ? 16 G   B "C1'" 1 
ATOM   317 N N9    . G   B 2 7 ? -5.647  5.580   2.608   1.00 26.97 ? 16 G   B N9    1 
ATOM   318 C C8    . G   B 2 7 ? -5.184  5.069   3.795   1.00 24.55 ? 16 G   B C8    1 
ATOM   319 N N7    . G   B 2 7 ? -5.256  3.768   3.844   1.00 28.65 ? 16 G   B N7    1 
ATOM   320 C C5    . G   B 2 7 ? -5.815  3.405   2.620   1.00 23.77 ? 16 G   B C5    1 
ATOM   321 C C6    . G   B 2 7 ? -6.118  2.130   2.083   1.00 21.85 ? 16 G   B C6    1 
ATOM   322 O O6    . G   B 2 7 ? -5.969  1.008   2.599   1.00 28.56 ? 16 G   B O6    1 
ATOM   323 N N1    . G   B 2 7 ? -6.650  2.230   0.808   1.00 23.91 ? 16 G   B N1    1 
ATOM   324 C C2    . G   B 2 7 ? -6.875  3.403   0.131   1.00 23.11 ? 16 G   B C2    1 
ATOM   325 N N2    . G   B 2 7 ? -7.384  3.287   -1.104  1.00 24.55 ? 16 G   B N2    1 
ATOM   326 N N3    . G   B 2 7 ? -6.614  4.594   0.624   1.00 24.87 ? 16 G   B N3    1 
ATOM   327 C C4    . G   B 2 7 ? -6.080  4.518   1.861   1.00 23.65 ? 16 G   B C4    1 
ATOM   328 P P     . A   B 2 8 ? -9.711  8.583   3.919   1.00 43.61 ? 17 A   B P     1 
ATOM   329 O OP1   . A   B 2 8 ? -10.466 9.820   4.240   1.00 46.57 ? 17 A   B OP1   1 
ATOM   330 O OP2   . A   B 2 8 ? -9.603  7.483   4.929   1.00 46.86 ? 17 A   B OP2   1 
ATOM   331 O "O5'" . A   B 2 8 ? -10.286 7.925   2.585   1.00 39.78 ? 17 A   B "O5'" 1 
ATOM   332 C "C5'" . A   B 2 8 ? -10.783 8.725   1.533   1.00 33.81 ? 17 A   B "C5'" 1 
ATOM   333 C "C4'" . A   B 2 8 ? -11.526 7.864   0.555   1.00 30.79 ? 17 A   B "C4'" 1 
ATOM   334 O "O4'" . A   B 2 8 ? -10.590 6.952   -0.069  1.00 33.33 ? 17 A   B "O4'" 1 
ATOM   335 C "C3'" . A   B 2 8 ? -12.551 6.940   1.169   1.00 28.36 ? 17 A   B "C3'" 1 
ATOM   336 O "O3'" . A   B 2 8 ? -13.775 7.611   1.422   1.00 35.64 ? 17 A   B "O3'" 1 
ATOM   337 C "C2'" . A   B 2 8 ? -12.678 5.905   0.077   1.00 27.48 ? 17 A   B "C2'" 1 
ATOM   338 O "O2'" . A   B 2 8 ? -13.339 6.455   -1.040  1.00 31.03 ? 17 A   B "O2'" 1 
ATOM   339 C "C1'" . A   B 2 8 ? -11.210 5.699   -0.260  1.00 27.38 ? 17 A   B "C1'" 1 
ATOM   340 N N9    . A   B 2 8 ? -10.574 4.755   0.651   1.00 28.40 ? 17 A   B N9    1 
ATOM   341 C C8    . A   B 2 8 ? -9.857  5.015   1.795   1.00 25.07 ? 17 A   B C8    1 
ATOM   342 N N7    . A   B 2 8 ? -9.431  3.934   2.405   1.00 23.51 ? 17 A   B N7    1 
ATOM   343 C C5    . A   B 2 8 ? -9.906  2.894   1.613   1.00 22.27 ? 17 A   B C5    1 
ATOM   344 C C6    . A   B 2 8 ? -9.810  1.485   1.722   1.00 23.38 ? 17 A   B C6    1 
ATOM   345 N N6    . A   B 2 8 ? -9.186  0.847   2.722   1.00 21.38 ? 17 A   B N6    1 
ATOM   346 N N1    . A   B 2 8 ? -10.394 0.744   0.758   1.00 22.05 ? 17 A   B N1    1 
ATOM   347 C C2    . A   B 2 8 ? -11.029 1.373   -0.241  1.00 25.73 ? 17 A   B C2    1 
ATOM   348 N N3    . A   B 2 8 ? -11.185 2.678   -0.453  1.00 24.19 ? 17 A   B N3    1 
ATOM   349 C C4    . A   B 2 8 ? -10.596 3.388   0.525   1.00 25.19 ? 17 A   B C4    1 
ATOM   350 P P     . G   B 2 9 ? -14.644 7.224   2.725   1.00 36.44 ? 18 G   B P     1 
ATOM   351 O OP1   . G   B 2 9 ? -15.715 8.250   2.840   1.00 39.99 ? 18 G   B OP1   1 
ATOM   352 O OP2   . G   B 2 9 ? -13.715 6.992   3.867   1.00 37.65 ? 18 G   B OP2   1 
ATOM   353 O "O5'" . G   B 2 9 ? -15.316 5.824   2.354   1.00 36.16 ? 18 G   B "O5'" 1 
ATOM   354 C "C5'" . G   B 2 9 ? -16.243 5.725   1.280   1.00 32.10 ? 18 G   B "C5'" 1 
ATOM   355 C "C4'" . G   B 2 9 ? -16.391 4.288   0.839   1.00 29.98 ? 18 G   B "C4'" 1 
ATOM   356 O "O4'" . G   B 2 9 ? -15.081 3.728   0.596   1.00 24.85 ? 18 G   B "O4'" 1 
ATOM   357 C "C3'" . G   B 2 9 ? -16.964 3.344   1.869   1.00 27.18 ? 18 G   B "C3'" 1 
ATOM   358 O "O3'" . G   B 2 9 ? -18.361 3.466   2.000   1.00 34.15 ? 18 G   B "O3'" 1 
ATOM   359 C "C2'" . G   B 2 9 ? -16.522 2.001   1.324   1.00 25.50 ? 18 G   B "C2'" 1 
ATOM   360 O "O2'" . G   B 2 9 ? -17.299 1.590   0.221   1.00 28.97 ? 18 G   B "O2'" 1 
ATOM   361 C "C1'" . G   B 2 9 ? -15.104 2.339   0.880   1.00 24.75 ? 18 G   B "C1'" 1 
ATOM   362 N N9    . G   B 2 9 ? -14.141 2.065   1.936   1.00 22.73 ? 18 G   B N9    1 
ATOM   363 C C8    . G   B 2 9 ? -13.511 2.964   2.762   1.00 20.17 ? 18 G   B C8    1 
ATOM   364 N N7    . G   B 2 9 ? -12.748 2.390   3.651   1.00 19.87 ? 18 G   B N7    1 
ATOM   365 C C5    . G   B 2 9 ? -12.876 1.029   3.383   1.00 22.94 ? 18 G   B C5    1 
ATOM   366 C C6    . G   B 2 9 ? -12.300 -0.104  4.022   1.00 24.81 ? 18 G   B C6    1 
ATOM   367 O O6    . G   B 2 9 ? -11.551 -0.142  4.996   1.00 27.63 ? 18 G   B O6    1 
ATOM   368 N N1    . G   B 2 9 ? -12.693 -1.288  3.414   1.00 26.30 ? 18 G   B N1    1 
ATOM   369 C C2    . G   B 2 9 ? -13.545 -1.376  2.342   1.00 25.17 ? 18 G   B C2    1 
ATOM   370 N N2    . G   B 2 9 ? -13.813 -2.599  1.888   1.00 28.72 ? 18 G   B N2    1 
ATOM   371 N N3    . G   B 2 9 ? -14.094 -0.339  1.753   1.00 25.77 ? 18 G   B N3    1 
ATOM   372 C C4    . G   B 2 9 ? -13.718 0.822   2.317   1.00 21.84 ? 18 G   B C4    1 
HETATM 373 O O     . HOH C 3 . ? 2.748   0.558   -4.356  1.00 36.60 ? 20 HOH A O     1 
HETATM 374 O O     . HOH C 3 . ? -6.947  -2.219  5.178   1.00 41.43 ? 21 HOH A O     1 
HETATM 375 O O     . HOH C 3 . ? 9.070   3.530   -7.768  1.00 74.46 ? 22 HOH A O     1 
HETATM 376 O O     . HOH C 3 . ? 10.936  -8.188  0.332   1.00 60.27 ? 24 HOH A O     1 
HETATM 377 O O     . HOH C 3 . ? 4.160   7.457   1.469   1.00 39.99 ? 26 HOH A O     1 
HETATM 378 O O     . HOH C 3 . ? 20.444  -2.787  -2.321  1.00 46.32 ? 30 HOH A O     1 
HETATM 379 O O     . HOH C 3 . ? -7.165  -7.416  4.672   1.00 73.19 ? 33 HOH A O     1 
HETATM 380 O O     . HOH C 3 . ? 17.274  -8.155  -2.513  1.00 53.44 ? 39 HOH A O     1 
HETATM 381 O O     . HOH C 3 . ? -2.237  -2.308  -9.759  1.00 72.92 ? 42 HOH A O     1 
HETATM 382 O O     . HOH C 3 . ? -3.356  -3.896  -5.949  1.00 57.97 ? 45 HOH A O     1 
HETATM 383 O O     . HOH C 3 . ? 0.226   -1.417  -1.447  1.00 46.42 ? 47 HOH A O     1 
HETATM 384 O O     . HOH C 3 . ? -5.265  -4.489  0.826   1.00 78.60 ? 53 HOH A O     1 
HETATM 385 O O     . HOH C 3 . ? -7.454  -5.068  -9.465  1.00 78.45 ? 54 HOH A O     1 
HETATM 386 O O     . HOH D 3 . ? 9.257   -11.101 -1.062  1.00 36.95 ? 19 HOH B O     1 
HETATM 387 O O     . HOH D 3 . ? -13.362 8.737   6.220   1.00 46.44 ? 23 HOH B O     1 
HETATM 388 O O     . HOH D 3 . ? 2.821   -3.206  3.290   1.00 44.23 ? 25 HOH B O     1 
HETATM 389 O O     . HOH D 3 . ? 10.297  -4.874  6.955   1.00 70.92 ? 27 HOH B O     1 
HETATM 390 O O     . HOH D 3 . ? -10.950 5.599   6.330   1.00 41.89 ? 28 HOH B O     1 
HETATM 391 O O     . HOH D 3 . ? 2.189   -1.901  0.446   1.00 52.01 ? 29 HOH B O     1 
HETATM 392 O O     . HOH D 3 . ? 11.486  -10.632 -2.731  1.00 69.83 ? 31 HOH B O     1 
HETATM 393 O O     . HOH D 3 . ? 0.822   -1.217  3.745   1.00 73.13 ? 32 HOH B O     1 
HETATM 394 O O     . HOH D 3 . ? 2.384   7.570   3.584   1.00 66.41 ? 34 HOH B O     1 
HETATM 395 O O     . HOH D 3 . ? 4.688   -6.125  -9.014  1.00 62.26 ? 35 HOH B O     1 
HETATM 396 O O     . HOH D 3 . ? -10.248 2.030   6.805   1.00 50.69 ? 36 HOH B O     1 
HETATM 397 O O     . HOH D 3 . ? -4.107  3.531   6.653   1.00 68.67 ? 37 HOH B O     1 
HETATM 398 O O     . HOH D 3 . ? -7.233  9.557   8.963   1.00 61.34 ? 38 HOH B O     1 
HETATM 399 O O     . HOH D 3 . ? 5.139   3.467   12.951  1.00 67.79 ? 40 HOH B O     1 
HETATM 400 O O     . HOH D 3 . ? 8.535   -11.784 -3.513  1.00 46.69 ? 41 HOH B O     1 
HETATM 401 O O     . HOH D 3 . ? -1.842  8.687   0.891   1.00 61.72 ? 43 HOH B O     1 
HETATM 402 O O     . HOH D 3 . ? 3.028   -12.636 2.715   1.00 63.47 ? 44 HOH B O     1 
HETATM 403 O O     . HOH D 3 . ? 11.901  -2.698  7.521   1.00 53.86 ? 46 HOH B O     1 
HETATM 404 O O     . HOH D 3 . ? -9.475  11.543  6.670   1.00 64.09 ? 48 HOH B O     1 
HETATM 405 O O     . HOH D 3 . ? 7.528   1.646   12.041  1.00 75.90 ? 49 HOH B O     1 
HETATM 406 O O     . HOH D 3 . ? -8.747  4.416   5.313   1.00 68.67 ? 50 HOH B O     1 
HETATM 407 O O     . HOH D 3 . ? 2.636   -5.023  -1.085  1.00 70.77 ? 51 HOH B O     1 
HETATM 408 O O     . HOH D 3 . ? -9.291  8.039   10.695  1.00 78.04 ? 52 HOH B O     1 
HETATM 409 O O     . HOH D 3 . ? 6.708   -6.563  -11.679 1.00 74.76 ? 55 HOH B O     1 
# 
